data_1U6R
#
_entry.id   1U6R
#
_cell.length_a   48.689
_cell.length_b   92.572
_cell.length_c   165.553
_cell.angle_alpha   90.00
_cell.angle_beta   90.00
_cell.angle_gamma   90.00
#
_symmetry.space_group_name_H-M   'P 21 21 21'
#
loop_
_entity.id
_entity.type
_entity.pdbx_description
1 polymer 'Creatine kinase, M chain'
2 non-polymer 'MAGNESIUM ION'
3 non-polymer "ADENOSINE-5'-DIPHOSPHATE"
4 non-polymer 'NITRATE ION'
5 non-polymer '(DIAMINOMETHYL-METHYL-AMINO)-ACETIC ACID'
6 water water
#
_entity_poly.entity_id   1
_entity_poly.type   'polypeptide(L)'
_entity_poly.pdbx_seq_one_letter_code
;PFGNTHNKYKLNYKSEEEYPDLSKHNNHMAKVLTPDLYKKLRDKETPSGFTLDDVIQTGVDNPGHPFIMTVGCVAGDEES
YTVFKDLFDPIIQDRHGGFKPTDKHKTDLNHENLKGGDDLDPHYVLSSRVRTGKSIKGYTLPPHCSRGERRAVEKLSVEA
LNSLTGEFKGKYYPLKSMTEQEQQQLIDDHFLFDKPVSPLLLASGMARDWPDARGIWHNDNKSFLVWVNEEDHLRVISME
KGGNMKEVFRRFCVGLQKIEEIFKKAGHPFMWNEHLGYVLTCPSNLGTGLRGGVHVKLAHLSKHPKFEEILTRLRLQKRG
TGGVDTAAVGSVFDISNADRLGSSEVEQVQLVVDGVKLMVEMEKKLEKGQSIDDMIPAQK
;
_entity_poly.pdbx_strand_id   A,B
#
# COMPACT_ATOMS: atom_id res chain seq x y z
N PRO A 1 11.80 4.43 25.05
CA PRO A 1 10.69 4.58 24.10
C PRO A 1 11.03 5.49 22.92
N PHE A 2 10.36 5.24 21.79
CA PHE A 2 10.50 6.07 20.58
C PHE A 2 11.95 6.19 20.10
N GLY A 3 12.72 5.12 20.25
CA GLY A 3 14.15 5.11 19.87
C GLY A 3 14.44 4.41 18.54
N ASN A 4 15.65 3.88 18.40
CA ASN A 4 16.07 3.21 17.15
C ASN A 4 16.24 1.68 17.27
N THR A 5 15.44 1.08 18.14
CA THR A 5 15.47 -0.36 18.36
C THR A 5 15.29 -1.13 17.04
N HIS A 6 14.42 -0.61 16.18
CA HIS A 6 14.12 -1.30 14.93
C HIS A 6 15.34 -1.37 14.02
N ASN A 7 15.96 -0.23 13.73
CA ASN A 7 17.10 -0.27 12.84
C ASN A 7 18.26 -1.02 13.46
N LYS A 8 18.45 -0.86 14.77
CA LYS A 8 19.51 -1.61 15.48
C LYS A 8 19.32 -3.12 15.35
N TYR A 9 18.07 -3.55 15.32
CA TYR A 9 17.76 -4.97 15.16
C TYR A 9 18.20 -5.44 13.77
N LYS A 10 17.90 -4.66 12.74
CA LYS A 10 18.35 -5.00 11.39
C LYS A 10 19.86 -5.02 11.23
N LEU A 11 20.56 -4.20 12.03
CA LEU A 11 22.01 -4.12 11.90
C LEU A 11 22.73 -5.39 12.41
N ASN A 12 21.99 -6.33 13.01
CA ASN A 12 22.52 -7.65 13.35
C ASN A 12 22.81 -8.48 12.11
N TYR A 13 22.20 -8.12 10.98
CA TYR A 13 22.54 -8.75 9.70
C TYR A 13 23.63 -7.96 9.02
N LYS A 14 24.46 -8.65 8.25
CA LYS A 14 25.51 -8.01 7.47
C LYS A 14 24.87 -7.18 6.36
N SER A 15 25.60 -6.21 5.83
CA SER A 15 25.03 -5.31 4.83
C SER A 15 24.53 -6.08 3.61
N GLU A 16 25.31 -7.07 3.15
CA GLU A 16 24.92 -7.86 1.99
C GLU A 16 23.65 -8.68 2.25
N GLU A 17 23.42 -9.02 3.52
CA GLU A 17 22.24 -9.81 3.90
C GLU A 17 20.97 -8.98 3.83
N GLU A 18 21.09 -7.66 4.01
CA GLU A 18 19.95 -6.75 3.92
C GLU A 18 19.88 -6.04 2.58
N TYR A 19 20.95 -6.10 1.78
CA TYR A 19 21.00 -5.40 0.50
C TYR A 19 19.88 -5.85 -0.44
N PRO A 20 19.14 -4.94 -1.07
CA PRO A 20 18.03 -5.38 -1.92
C PRO A 20 18.49 -6.08 -3.19
N ASP A 21 17.65 -6.97 -3.70
CA ASP A 21 17.87 -7.64 -4.98
C ASP A 21 17.33 -6.73 -6.07
N LEU A 22 18.24 -6.02 -6.73
CA LEU A 22 17.86 -5.05 -7.75
C LEU A 22 18.21 -5.56 -9.16
N SER A 23 18.29 -6.87 -9.31
CA SER A 23 18.69 -7.48 -10.59
C SER A 23 17.70 -7.23 -11.74
N LYS A 24 16.44 -6.96 -11.44
CA LYS A 24 15.42 -6.74 -12.47
C LYS A 24 15.03 -5.28 -12.59
N HIS A 25 15.83 -4.41 -11.99
CA HIS A 25 15.40 -3.04 -11.77
C HIS A 25 15.91 -2.07 -12.82
N ASN A 26 15.10 -1.05 -13.05
CA ASN A 26 15.45 0.04 -13.93
C ASN A 26 14.82 1.29 -13.37
N ASN A 27 15.41 1.80 -12.28
CA ASN A 27 15.05 3.09 -11.72
C ASN A 27 16.30 3.83 -11.24
N HIS A 28 16.17 5.14 -11.04
CA HIS A 28 17.31 5.98 -10.67
C HIS A 28 18.01 5.47 -9.41
N MET A 29 17.21 5.06 -8.41
CA MET A 29 17.77 4.54 -7.17
C MET A 29 18.67 3.32 -7.44
N ALA A 30 18.17 2.36 -8.22
CA ALA A 30 18.94 1.16 -8.55
C ALA A 30 20.21 1.45 -9.36
N LYS A 31 20.20 2.55 -10.10
CA LYS A 31 21.32 2.97 -10.92
C LYS A 31 22.48 3.45 -10.05
N VAL A 32 22.14 3.96 -8.88
CA VAL A 32 23.09 4.58 -7.98
C VAL A 32 23.49 3.71 -6.79
N LEU A 33 22.55 2.98 -6.22
CA LEU A 33 22.88 2.16 -5.05
C LEU A 33 24.00 1.16 -5.38
N THR A 34 24.95 1.04 -4.47
CA THR A 34 25.96 0.00 -4.55
C THR A 34 26.05 -0.69 -3.20
N PRO A 35 26.61 -1.90 -3.17
CA PRO A 35 26.94 -2.54 -1.90
C PRO A 35 27.69 -1.64 -0.91
N ASP A 36 28.67 -0.86 -1.38
CA ASP A 36 29.41 0.05 -0.50
C ASP A 36 28.55 1.18 0.05
N LEU A 37 27.73 1.76 -0.81
CA LEU A 37 26.89 2.87 -0.41
C LEU A 37 25.87 2.40 0.64
N TYR A 38 25.31 1.22 0.41
CA TYR A 38 24.37 0.64 1.37
C TYR A 38 25.07 0.39 2.70
N LYS A 39 26.26 -0.21 2.66
CA LYS A 39 27.03 -0.49 3.86
C LYS A 39 27.33 0.79 4.66
N LYS A 40 27.72 1.84 3.95
CA LYS A 40 28.09 3.12 4.58
C LYS A 40 26.91 3.86 5.16
N LEU A 41 25.73 3.70 4.56
CA LEU A 41 24.59 4.53 4.95
C LEU A 41 23.50 3.83 5.75
N ARG A 42 23.55 2.50 5.84
CA ARG A 42 22.45 1.75 6.46
C ARG A 42 22.29 1.97 7.98
N ASP A 43 23.33 2.46 8.66
CA ASP A 43 23.22 2.71 10.11
C ASP A 43 22.93 4.17 10.44
N LYS A 44 22.68 4.97 9.41
CA LYS A 44 22.39 6.39 9.58
C LYS A 44 20.90 6.63 9.75
N GLU A 45 20.57 7.68 10.50
CA GLU A 45 19.17 8.08 10.65
C GLU A 45 19.08 9.60 10.69
N THR A 46 17.97 10.13 10.20
CA THR A 46 17.68 11.56 10.38
C THR A 46 17.17 11.73 11.80
N PRO A 47 17.03 12.95 12.28
CA PRO A 47 16.47 13.18 13.63
C PRO A 47 15.12 12.52 13.88
N SER A 48 14.27 12.43 12.86
CA SER A 48 12.96 11.76 13.02
C SER A 48 13.05 10.24 12.89
N GLY A 49 14.25 9.72 12.64
CA GLY A 49 14.46 8.28 12.54
C GLY A 49 14.38 7.71 11.13
N PHE A 50 14.23 8.56 10.10
CA PHE A 50 14.15 8.03 8.73
C PHE A 50 15.50 7.42 8.32
N THR A 51 15.46 6.28 7.64
CA THR A 51 16.65 5.53 7.29
C THR A 51 16.76 5.29 5.80
N LEU A 52 17.92 4.79 5.38
CA LEU A 52 18.13 4.48 3.98
C LEU A 52 17.12 3.45 3.48
N ASP A 53 16.80 2.45 4.31
CA ASP A 53 15.78 1.49 3.90
C ASP A 53 14.45 2.17 3.58
N ASP A 54 14.09 3.20 4.36
CA ASP A 54 12.83 3.91 4.13
C ASP A 54 12.90 4.71 2.84
N VAL A 55 14.06 5.28 2.59
CA VAL A 55 14.29 6.08 1.38
C VAL A 55 14.06 5.23 0.13
N ILE A 56 14.59 4.00 0.13
CA ILE A 56 14.63 3.20 -1.09
C ILE A 56 13.49 2.21 -1.26
N GLN A 57 12.66 2.03 -0.23
CA GLN A 57 11.68 0.94 -0.26
C GLN A 57 10.87 0.93 -1.53
N THR A 58 10.36 2.09 -1.95
CA THR A 58 9.51 2.09 -3.14
C THR A 58 10.27 1.64 -4.39
N GLY A 59 11.57 1.97 -4.47
CA GLY A 59 12.39 1.57 -5.61
C GLY A 59 12.70 0.08 -5.58
N VAL A 60 12.78 -0.51 -4.40
CA VAL A 60 12.93 -1.94 -4.29
C VAL A 60 11.68 -2.64 -4.80
N ASP A 61 10.51 -2.10 -4.43
CA ASP A 61 9.23 -2.77 -4.67
C ASP A 61 8.77 -2.64 -6.12
N ASN A 62 9.27 -1.60 -6.79
CA ASN A 62 8.80 -1.22 -8.12
C ASN A 62 9.99 -1.14 -9.07
N PRO A 63 10.35 -2.25 -9.69
CA PRO A 63 11.54 -2.29 -10.56
C PRO A 63 11.53 -1.25 -11.69
N GLY A 64 10.35 -1.01 -12.24
CA GLY A 64 10.19 -0.18 -13.42
C GLY A 64 9.93 -1.09 -14.61
N HIS A 65 9.95 -0.48 -15.81
CA HIS A 65 9.63 -1.18 -17.05
C HIS A 65 10.43 -0.49 -18.16
N PRO A 66 10.28 -0.89 -19.43
CA PRO A 66 11.32 -0.65 -20.44
C PRO A 66 11.99 0.73 -20.44
N PHE A 67 11.24 1.76 -20.81
CA PHE A 67 11.83 3.03 -21.22
C PHE A 67 11.84 4.05 -20.08
N ILE A 68 10.65 4.48 -19.66
CA ILE A 68 10.55 5.53 -18.63
C ILE A 68 11.22 5.07 -17.33
N MET A 69 12.14 5.89 -16.84
CA MET A 69 12.83 5.59 -15.59
C MET A 69 12.14 6.32 -14.45
N THR A 70 11.68 5.56 -13.47
CA THR A 70 11.15 6.13 -12.24
C THR A 70 12.30 6.47 -11.31
N VAL A 71 11.99 7.26 -10.29
CA VAL A 71 13.01 7.76 -9.36
C VAL A 71 13.42 6.65 -8.38
N GLY A 72 12.45 5.98 -7.79
CA GLY A 72 12.73 4.81 -6.95
C GLY A 72 13.15 5.12 -5.53
N CYS A 73 12.89 6.34 -5.10
CA CYS A 73 13.20 6.74 -3.73
C CYS A 73 12.42 7.98 -3.30
N VAL A 74 12.33 8.15 -2.00
CA VAL A 74 11.66 9.28 -1.41
C VAL A 74 12.45 9.85 -0.23
N ALA A 75 12.21 11.12 0.05
CA ALA A 75 12.62 11.73 1.30
C ALA A 75 11.51 11.67 2.35
N GLY A 76 11.92 11.48 3.60
CA GLY A 76 11.00 11.45 4.73
C GLY A 76 10.95 12.74 5.50
N ASP A 77 11.89 13.63 5.19
CA ASP A 77 12.06 14.94 5.84
C ASP A 77 13.16 15.70 5.07
N GLU A 78 13.42 16.97 5.41
CA GLU A 78 14.45 17.73 4.70
C GLU A 78 15.85 17.15 4.93
N GLU A 79 16.06 16.67 6.14
CA GLU A 79 17.33 16.09 6.54
C GLU A 79 17.70 14.87 5.69
N SER A 80 16.70 14.13 5.21
CA SER A 80 16.96 12.98 4.33
C SER A 80 17.91 13.34 3.20
N TYR A 81 17.72 14.52 2.62
CA TYR A 81 18.52 14.93 1.46
C TYR A 81 20.00 15.18 1.79
N THR A 82 20.28 15.50 3.05
CA THR A 82 21.66 15.68 3.52
C THR A 82 22.26 14.40 4.07
N VAL A 83 21.54 13.74 4.98
CA VAL A 83 22.04 12.50 5.58
C VAL A 83 22.31 11.44 4.52
N PHE A 84 21.43 11.34 3.52
CA PHE A 84 21.59 10.39 2.43
C PHE A 84 21.95 11.05 1.10
N LYS A 85 22.70 12.16 1.18
CA LYS A 85 23.14 12.89 0.00
C LYS A 85 23.93 12.02 -0.96
N ASP A 86 24.67 11.04 -0.44
CA ASP A 86 25.45 10.18 -1.32
C ASP A 86 24.58 9.35 -2.26
N LEU A 87 23.32 9.12 -1.90
CA LEU A 87 22.33 8.54 -2.80
C LEU A 87 21.59 9.60 -3.61
N PHE A 88 21.05 10.61 -2.93
CA PHE A 88 20.23 11.62 -3.60
C PHE A 88 20.99 12.50 -4.58
N ASP A 89 22.23 12.86 -4.27
CA ASP A 89 22.95 13.79 -5.15
C ASP A 89 23.09 13.26 -6.61
N PRO A 90 23.60 12.05 -6.82
CA PRO A 90 23.68 11.50 -8.17
C PRO A 90 22.32 11.34 -8.85
N ILE A 91 21.30 10.99 -8.07
CA ILE A 91 19.96 10.91 -8.62
C ILE A 91 19.49 12.28 -9.12
N ILE A 92 19.69 13.29 -8.29
CA ILE A 92 19.26 14.67 -8.60
C ILE A 92 20.03 15.19 -9.83
N GLN A 93 21.33 14.90 -9.88
CA GLN A 93 22.16 15.33 -11.02
C GLN A 93 21.71 14.66 -12.33
N ASP A 94 21.32 13.40 -12.24
CA ASP A 94 20.91 12.61 -13.39
C ASP A 94 19.50 13.03 -13.84
N ARG A 95 18.62 13.25 -12.87
CA ARG A 95 17.23 13.63 -13.13
C ARG A 95 17.05 15.08 -13.59
N HIS A 96 17.89 16.00 -13.10
CA HIS A 96 17.69 17.42 -13.34
C HIS A 96 18.80 18.05 -14.19
N GLY A 97 19.09 17.39 -15.32
CA GLY A 97 19.96 17.99 -16.35
C GLY A 97 21.35 18.40 -15.90
N GLY A 98 21.91 17.67 -14.95
CA GLY A 98 23.28 17.90 -14.51
C GLY A 98 23.45 18.75 -13.25
N PHE A 99 22.35 19.12 -12.61
CA PHE A 99 22.39 19.93 -11.39
C PHE A 99 23.30 19.27 -10.35
N LYS A 100 24.39 19.95 -10.01
CA LYS A 100 25.46 19.42 -9.15
C LYS A 100 25.20 19.72 -7.67
N PRO A 101 25.86 19.00 -6.77
CA PRO A 101 25.76 19.30 -5.34
C PRO A 101 26.09 20.74 -4.96
N THR A 102 26.94 21.41 -5.74
CA THR A 102 27.35 22.78 -5.45
C THR A 102 26.46 23.83 -6.10
N ASP A 103 25.56 23.40 -6.99
CA ASP A 103 24.67 24.32 -7.70
C ASP A 103 23.59 24.88 -6.77
N LYS A 104 23.08 26.06 -7.13
CA LYS A 104 22.07 26.73 -6.33
C LYS A 104 20.81 26.85 -7.13
N HIS A 105 19.68 26.79 -6.44
CA HIS A 105 18.41 26.97 -7.09
C HIS A 105 17.86 28.34 -6.79
N LYS A 106 17.35 28.99 -7.83
CA LYS A 106 16.79 30.34 -7.70
C LYS A 106 15.26 30.33 -7.70
N THR A 107 14.68 30.78 -6.59
CA THR A 107 13.24 30.90 -6.44
C THR A 107 12.79 32.30 -6.85
N ASP A 108 11.69 32.39 -7.57
CA ASP A 108 11.12 33.69 -7.93
C ASP A 108 9.60 33.60 -8.04
N LEU A 109 8.89 34.08 -7.03
CA LEU A 109 7.43 34.13 -7.03
C LEU A 109 6.89 35.55 -7.25
N ASN A 110 7.75 36.45 -7.71
CA ASN A 110 7.32 37.80 -8.08
C ASN A 110 6.68 37.77 -9.46
N HIS A 111 5.36 37.60 -9.48
CA HIS A 111 4.60 37.42 -10.71
C HIS A 111 4.79 38.55 -11.75
N GLU A 112 5.15 39.74 -11.28
CA GLU A 112 5.39 40.89 -12.16
C GLU A 112 6.56 40.66 -13.12
N ASN A 113 7.45 39.72 -12.80
CA ASN A 113 8.59 39.38 -13.67
C ASN A 113 8.20 38.56 -14.91
N LEU A 114 7.00 37.97 -14.92
CA LEU A 114 6.49 37.29 -16.10
C LEU A 114 6.13 38.34 -17.14
N LYS A 115 6.47 38.07 -18.39
CA LYS A 115 6.22 39.01 -19.49
C LYS A 115 5.19 38.43 -20.45
N GLY A 116 4.10 39.16 -20.63
CA GLY A 116 3.01 38.71 -21.49
C GLY A 116 2.25 37.56 -20.86
N GLY A 117 1.75 36.66 -21.69
CA GLY A 117 1.01 35.50 -21.21
C GLY A 117 -0.45 35.75 -20.91
N ASP A 118 -0.90 37.01 -21.05
CA ASP A 118 -2.31 37.32 -20.89
C ASP A 118 -3.10 37.10 -22.20
N ASP A 119 -2.38 36.87 -23.29
CA ASP A 119 -2.93 36.91 -24.65
C ASP A 119 -3.18 35.56 -25.31
N LEU A 120 -2.70 34.47 -24.71
CA LEU A 120 -2.74 33.16 -25.39
C LEU A 120 -4.10 32.91 -26.07
N ASP A 121 -4.05 32.60 -27.36
CA ASP A 121 -5.24 32.54 -28.21
C ASP A 121 -6.32 31.58 -27.68
N PRO A 122 -7.46 32.13 -27.24
CA PRO A 122 -8.56 31.32 -26.71
C PRO A 122 -9.11 30.26 -27.67
N HIS A 123 -8.94 30.48 -28.97
CA HIS A 123 -9.37 29.53 -29.99
C HIS A 123 -8.64 28.19 -29.89
N TYR A 124 -7.43 28.22 -29.34
CA TYR A 124 -6.61 27.01 -29.20
C TYR A 124 -6.36 26.64 -27.73
N VAL A 125 -6.07 27.64 -26.90
CA VAL A 125 -5.83 27.41 -25.47
C VAL A 125 -7.14 27.41 -24.70
N LEU A 126 -7.57 26.23 -24.28
CA LEU A 126 -8.88 26.03 -23.65
C LEU A 126 -8.85 26.24 -22.13
N SER A 127 -7.68 26.07 -21.52
CA SER A 127 -7.53 26.34 -20.09
C SER A 127 -6.08 26.50 -19.71
N SER A 128 -5.83 27.22 -18.62
CA SER A 128 -4.49 27.50 -18.13
C SER A 128 -4.43 27.10 -16.66
N ARG A 129 -3.27 26.59 -16.23
CA ARG A 129 -3.13 26.00 -14.90
C ARG A 129 -1.69 26.12 -14.39
N VAL A 130 -1.54 26.43 -13.11
CA VAL A 130 -0.24 26.38 -12.42
C VAL A 130 -0.38 25.62 -11.11
N ARG A 131 0.44 24.58 -10.95
CA ARG A 131 0.40 23.73 -9.75
C ARG A 131 1.77 23.70 -9.10
N THR A 132 1.80 23.60 -7.77
CA THR A 132 3.01 23.26 -7.04
C THR A 132 2.67 22.42 -5.81
N GLY A 133 3.70 21.90 -5.18
CA GLY A 133 3.56 21.22 -3.91
C GLY A 133 4.42 21.96 -2.91
N LYS A 134 4.05 21.85 -1.64
CA LYS A 134 4.86 22.45 -0.57
C LYS A 134 4.88 21.55 0.67
N SER A 135 5.98 21.64 1.40
CA SER A 135 6.14 20.97 2.68
C SER A 135 6.25 22.04 3.75
N ILE A 136 5.79 21.70 4.96
CA ILE A 136 5.76 22.61 6.09
C ILE A 136 6.86 22.24 7.08
N LYS A 137 7.77 23.17 7.32
CA LYS A 137 8.85 22.94 8.25
C LYS A 137 8.31 22.55 9.64
N GLY A 138 8.92 21.53 10.24
CA GLY A 138 8.55 21.04 11.56
C GLY A 138 7.80 19.72 11.57
N TYR A 139 7.47 19.22 10.39
CA TYR A 139 6.68 17.99 10.26
C TYR A 139 7.34 17.11 9.21
N THR A 140 7.41 15.82 9.47
CA THR A 140 8.00 14.91 8.48
C THR A 140 7.04 14.75 7.30
N LEU A 141 7.54 14.18 6.21
CA LEU A 141 6.82 14.13 4.95
C LEU A 141 5.91 12.89 4.91
N PRO A 142 4.93 12.86 4.00
CA PRO A 142 3.95 11.78 3.99
C PRO A 142 4.40 10.31 4.10
N PRO A 143 5.55 9.90 3.56
CA PRO A 143 5.98 8.51 3.79
C PRO A 143 6.09 8.15 5.27
N HIS A 144 6.38 9.15 6.11
CA HIS A 144 6.85 8.92 7.49
C HIS A 144 5.89 9.49 8.53
N CYS A 145 5.18 10.55 8.16
CA CYS A 145 4.51 11.39 9.14
C CYS A 145 3.50 10.63 10.00
N SER A 146 3.47 10.95 11.28
CA SER A 146 2.54 10.32 12.21
C SER A 146 1.17 10.94 12.06
N ARG A 147 0.16 10.25 12.56
CA ARG A 147 -1.19 10.82 12.56
C ARG A 147 -1.20 12.20 13.22
N GLY A 148 -0.48 12.32 14.33
CA GLY A 148 -0.38 13.58 15.05
C GLY A 148 0.24 14.70 14.23
N GLU A 149 1.35 14.40 13.55
CA GLU A 149 1.97 15.39 12.65
C GLU A 149 1.05 15.75 11.50
N ARG A 150 0.41 14.73 10.89
CA ARG A 150 -0.51 14.98 9.78
C ARG A 150 -1.66 15.90 10.20
N ARG A 151 -2.22 15.66 11.38
CA ARG A 151 -3.31 16.47 11.90
C ARG A 151 -2.86 17.91 12.17
N ALA A 152 -1.64 18.07 12.66
CA ALA A 152 -1.07 19.41 12.89
C ALA A 152 -0.90 20.17 11.59
N VAL A 153 -0.42 19.49 10.55
CA VAL A 153 -0.34 20.11 9.22
C VAL A 153 -1.73 20.55 8.75
N GLU A 154 -2.72 19.68 8.91
CA GLU A 154 -4.07 20.01 8.50
C GLU A 154 -4.63 21.20 9.26
N LYS A 155 -4.43 21.23 10.57
CA LYS A 155 -4.95 22.32 11.40
C LYS A 155 -4.35 23.66 10.99
N LEU A 156 -3.04 23.70 10.80
CA LEU A 156 -2.34 24.94 10.42
C LEU A 156 -2.86 25.40 9.05
N SER A 157 -2.98 24.45 8.14
CA SER A 157 -3.38 24.75 6.78
C SER A 157 -4.81 25.25 6.73
N VAL A 158 -5.70 24.56 7.43
CA VAL A 158 -7.11 24.89 7.37
C VAL A 158 -7.36 26.23 8.08
N GLU A 159 -6.76 26.44 9.23
CA GLU A 159 -6.92 27.73 9.93
C GLU A 159 -6.38 28.87 9.06
N ALA A 160 -5.24 28.65 8.40
CA ALA A 160 -4.71 29.63 7.46
C ALA A 160 -5.67 29.90 6.31
N LEU A 161 -6.16 28.84 5.67
CA LEU A 161 -7.02 28.99 4.51
C LEU A 161 -8.37 29.59 4.89
N ASN A 162 -8.90 29.19 6.04
CA ASN A 162 -10.17 29.76 6.54
C ASN A 162 -10.05 31.29 6.78
N SER A 163 -8.82 31.78 6.96
CA SER A 163 -8.57 33.22 7.21
C SER A 163 -8.51 34.08 5.94
N LEU A 164 -8.43 33.44 4.78
CA LEU A 164 -8.29 34.16 3.51
C LEU A 164 -9.61 34.82 3.09
N THR A 165 -9.48 35.97 2.43
CA THR A 165 -10.62 36.83 2.10
C THR A 165 -10.58 37.28 0.64
N GLY A 166 -11.65 37.96 0.22
CA GLY A 166 -11.76 38.45 -1.14
C GLY A 166 -11.74 37.34 -2.17
N GLU A 167 -10.85 37.46 -3.15
CA GLU A 167 -10.67 36.45 -4.19
C GLU A 167 -10.36 35.07 -3.60
N PHE A 168 -9.79 35.07 -2.39
CA PHE A 168 -9.33 33.85 -1.73
C PHE A 168 -10.22 33.36 -0.60
N LYS A 169 -11.42 33.95 -0.48
CA LYS A 169 -12.45 33.40 0.40
C LYS A 169 -12.83 32.02 -0.13
N GLY A 170 -12.83 31.04 0.77
CA GLY A 170 -13.11 29.67 0.37
C GLY A 170 -13.71 28.81 1.46
N LYS A 171 -13.62 27.49 1.25
CA LYS A 171 -14.15 26.54 2.21
C LYS A 171 -13.39 25.22 2.09
N TYR A 172 -13.20 24.56 3.24
CA TYR A 172 -12.54 23.26 3.34
C TYR A 172 -13.53 22.11 3.38
N TYR A 173 -13.19 21.05 2.68
CA TYR A 173 -13.97 19.81 2.62
C TYR A 173 -13.08 18.63 3.07
N PRO A 174 -13.20 18.21 4.33
CA PRO A 174 -12.47 17.00 4.77
C PRO A 174 -12.93 15.79 4.01
N LEU A 175 -12.00 14.93 3.60
CA LEU A 175 -12.39 13.70 2.94
C LEU A 175 -13.23 12.80 3.85
N LYS A 176 -12.97 12.83 5.16
CA LYS A 176 -13.57 11.85 6.05
C LYS A 176 -15.07 12.06 6.27
N SER A 177 -15.53 13.30 6.11
CA SER A 177 -16.95 13.64 6.35
C SER A 177 -17.68 14.15 5.11
N MET A 178 -17.03 14.00 3.95
CA MET A 178 -17.56 14.50 2.68
C MET A 178 -18.89 13.85 2.33
N THR A 179 -19.90 14.67 2.06
CA THR A 179 -21.20 14.15 1.64
C THR A 179 -21.09 13.65 0.22
N GLU A 180 -22.04 12.83 -0.19
CA GLU A 180 -22.14 12.34 -1.54
C GLU A 180 -22.26 13.49 -2.55
N GLN A 181 -23.04 14.50 -2.20
CA GLN A 181 -23.25 15.65 -3.08
C GLN A 181 -21.98 16.50 -3.24
N GLU A 182 -21.31 16.76 -2.11
CA GLU A 182 -20.03 17.49 -2.12
C GLU A 182 -19.01 16.76 -2.99
N GLN A 183 -18.91 15.45 -2.81
CA GLN A 183 -17.98 14.65 -3.60
C GLN A 183 -18.28 14.77 -5.09
N GLN A 184 -19.55 14.68 -5.46
CA GLN A 184 -19.94 14.79 -6.85
C GLN A 184 -19.60 16.17 -7.40
N GLN A 185 -19.85 17.21 -6.62
CA GLN A 185 -19.55 18.59 -7.04
C GLN A 185 -18.06 18.75 -7.32
N LEU A 186 -17.24 18.26 -6.41
CA LEU A 186 -15.78 18.33 -6.56
C LEU A 186 -15.29 17.54 -7.78
N ILE A 187 -15.92 16.39 -8.05
CA ILE A 187 -15.60 15.63 -9.26
C ILE A 187 -15.94 16.42 -10.51
N ASP A 188 -17.14 17.00 -10.54
CA ASP A 188 -17.56 17.86 -11.65
C ASP A 188 -16.58 19.01 -11.91
N ASP A 189 -15.99 19.55 -10.85
CA ASP A 189 -15.03 20.66 -10.97
C ASP A 189 -13.58 20.21 -11.11
N HIS A 190 -13.35 18.90 -11.19
CA HIS A 190 -12.00 18.32 -11.33
C HIS A 190 -11.10 18.70 -10.15
N PHE A 191 -11.70 18.75 -8.96
CA PHE A 191 -11.03 19.17 -7.72
C PHE A 191 -10.78 18.01 -6.76
N LEU A 192 -11.35 16.85 -7.04
CA LEU A 192 -11.26 15.75 -6.07
C LEU A 192 -9.97 14.97 -6.24
N PHE A 193 -9.43 14.51 -5.11
CA PHE A 193 -8.44 13.44 -5.13
C PHE A 193 -8.94 12.28 -4.27
N ASP A 194 -8.49 11.08 -4.63
CA ASP A 194 -8.82 9.85 -3.89
C ASP A 194 -7.54 9.22 -3.35
N LYS A 195 -7.70 8.14 -2.60
CA LYS A 195 -6.53 7.41 -2.09
C LYS A 195 -5.72 6.97 -3.30
N PRO A 196 -4.41 7.15 -3.23
CA PRO A 196 -3.57 6.75 -4.35
C PRO A 196 -3.71 5.26 -4.67
N VAL A 197 -3.61 4.96 -5.96
CA VAL A 197 -3.60 3.59 -6.45
C VAL A 197 -2.24 3.17 -6.97
N SER A 198 -1.36 4.13 -7.25
CA SER A 198 -0.04 3.88 -7.79
C SER A 198 0.79 3.13 -6.76
N PRO A 199 1.34 1.98 -7.13
CA PRO A 199 2.24 1.29 -6.19
C PRO A 199 3.53 2.06 -5.92
N LEU A 200 3.90 2.98 -6.80
CA LEU A 200 5.07 3.83 -6.56
C LEU A 200 4.86 4.68 -5.32
N LEU A 201 3.63 5.16 -5.10
CA LEU A 201 3.28 5.92 -3.92
C LEU A 201 2.98 5.01 -2.74
N LEU A 202 2.14 3.99 -2.97
CA LEU A 202 1.72 3.11 -1.87
C LEU A 202 2.90 2.44 -1.19
N ALA A 203 3.91 2.03 -1.96
CA ALA A 203 5.04 1.31 -1.41
C ALA A 203 5.88 2.14 -0.44
N SER A 204 5.75 3.46 -0.49
CA SER A 204 6.53 4.35 0.37
C SER A 204 5.93 4.54 1.76
N GLY A 205 4.69 4.07 1.96
CA GLY A 205 3.97 4.27 3.21
C GLY A 205 3.16 5.55 3.28
N MET A 206 3.10 6.31 2.20
CA MET A 206 2.43 7.62 2.25
C MET A 206 0.90 7.57 2.44
N ALA A 207 0.29 6.41 2.16
CA ALA A 207 -1.18 6.26 2.21
C ALA A 207 -1.76 5.79 3.55
N ARG A 208 -0.91 5.64 4.56
CA ARG A 208 -1.35 5.24 5.89
C ARG A 208 -2.48 6.13 6.45
N ASP A 209 -3.41 5.50 7.16
CA ASP A 209 -4.51 6.17 7.87
C ASP A 209 -5.55 6.83 6.97
N TRP A 210 -5.45 6.64 5.65
CA TRP A 210 -6.37 7.30 4.73
C TRP A 210 -7.82 7.06 5.19
N PRO A 211 -8.70 8.08 5.19
CA PRO A 211 -8.47 9.45 4.74
C PRO A 211 -8.17 10.47 5.86
N ASP A 212 -7.64 10.01 6.99
CA ASP A 212 -7.43 10.86 8.15
C ASP A 212 -6.60 12.10 7.83
N ALA A 213 -7.15 13.27 8.15
CA ALA A 213 -6.46 14.56 7.96
C ALA A 213 -6.15 14.93 6.51
N ARG A 214 -6.83 14.30 5.56
CA ARG A 214 -6.79 14.72 4.15
C ARG A 214 -8.04 15.53 3.83
N GLY A 215 -7.89 16.50 2.95
CA GLY A 215 -9.04 17.28 2.53
C GLY A 215 -8.72 18.21 1.40
N ILE A 216 -9.77 18.91 0.95
CA ILE A 216 -9.69 19.78 -0.22
C ILE A 216 -10.29 21.13 0.14
N TRP A 217 -9.55 22.20 -0.17
CA TRP A 217 -10.02 23.56 0.02
C TRP A 217 -10.05 24.20 -1.36
N HIS A 218 -11.07 25.01 -1.64
CA HIS A 218 -11.06 25.80 -2.85
C HIS A 218 -11.74 27.14 -2.57
N ASN A 219 -11.39 28.16 -3.34
CA ASN A 219 -12.03 29.46 -3.16
C ASN A 219 -13.41 29.46 -3.83
N ASP A 220 -14.23 30.44 -3.50
CA ASP A 220 -15.61 30.51 -4.01
C ASP A 220 -15.64 30.63 -5.53
N ASN A 221 -14.69 31.36 -6.10
CA ASN A 221 -14.56 31.51 -7.55
C ASN A 221 -14.12 30.23 -8.28
N LYS A 222 -13.72 29.20 -7.53
CA LYS A 222 -13.24 27.95 -8.11
C LYS A 222 -12.06 28.16 -9.05
N SER A 223 -11.13 29.01 -8.61
CA SER A 223 -9.97 29.37 -9.39
C SER A 223 -8.67 29.10 -8.64
N PHE A 224 -8.78 28.66 -7.38
CA PHE A 224 -7.63 28.42 -6.53
C PHE A 224 -7.96 27.25 -5.60
N LEU A 225 -7.12 26.22 -5.65
CA LEU A 225 -7.43 24.92 -5.06
C LEU A 225 -6.23 24.48 -4.21
N VAL A 226 -6.52 23.91 -3.03
CA VAL A 226 -5.46 23.37 -2.18
C VAL A 226 -5.85 21.97 -1.68
N TRP A 227 -4.96 21.01 -1.93
CA TRP A 227 -5.11 19.65 -1.42
C TRP A 227 -4.22 19.51 -0.20
N VAL A 228 -4.79 19.00 0.89
CA VAL A 228 -4.09 18.86 2.16
C VAL A 228 -3.75 17.39 2.41
N ASN A 229 -2.45 17.12 2.60
CA ASN A 229 -1.94 15.82 3.05
C ASN A 229 -2.12 14.66 2.07
N GLU A 230 -2.07 14.95 0.78
CA GLU A 230 -2.02 13.91 -0.25
C GLU A 230 -0.54 13.46 -0.49
N GLU A 231 0.03 13.75 -1.66
CA GLU A 231 1.43 13.37 -1.95
C GLU A 231 2.44 14.16 -1.13
N ASP A 232 2.09 15.40 -0.84
CA ASP A 232 2.90 16.30 -0.02
C ASP A 232 1.95 17.00 0.95
N HIS A 233 2.50 17.75 1.89
CA HIS A 233 1.67 18.44 2.87
C HIS A 233 0.60 19.26 2.18
N LEU A 234 1.03 20.03 1.19
CA LEU A 234 0.12 20.83 0.37
C LEU A 234 0.39 20.67 -1.12
N ARG A 235 -0.70 20.71 -1.89
CA ARG A 235 -0.63 20.92 -3.32
C ARG A 235 -1.49 22.14 -3.61
N VAL A 236 -0.94 23.11 -4.33
CA VAL A 236 -1.57 24.41 -4.52
C VAL A 236 -1.71 24.63 -6.01
N ILE A 237 -2.94 24.87 -6.48
CA ILE A 237 -3.25 24.94 -7.91
C ILE A 237 -4.10 26.17 -8.20
N SER A 238 -3.67 26.92 -9.21
CA SER A 238 -4.45 28.03 -9.74
C SER A 238 -4.90 27.61 -11.13
N MET A 239 -6.17 27.81 -11.46
CA MET A 239 -6.64 27.44 -12.79
C MET A 239 -7.83 28.26 -13.25
N GLU A 240 -7.96 28.37 -14.57
CA GLU A 240 -9.17 28.94 -15.16
C GLU A 240 -9.27 28.57 -16.63
N LYS A 241 -10.46 28.76 -17.17
CA LYS A 241 -10.71 28.52 -18.58
C LYS A 241 -10.07 29.64 -19.36
N GLY A 242 -9.66 29.34 -20.60
CA GLY A 242 -9.07 30.33 -21.49
C GLY A 242 -7.56 30.36 -21.40
N GLY A 243 -6.98 31.45 -21.90
CA GLY A 243 -5.54 31.55 -22.06
C GLY A 243 -4.86 32.72 -21.37
N ASN A 244 -5.47 33.25 -20.32
CA ASN A 244 -4.82 34.30 -19.54
C ASN A 244 -3.96 33.65 -18.47
N MET A 245 -2.81 33.13 -18.89
CA MET A 245 -1.85 32.49 -17.99
C MET A 245 -1.27 33.52 -17.04
N LYS A 246 -1.19 34.77 -17.48
CA LYS A 246 -0.74 35.87 -16.62
C LYS A 246 -1.57 35.96 -15.36
N GLU A 247 -2.89 35.97 -15.52
CA GLU A 247 -3.80 36.04 -14.37
C GLU A 247 -3.74 34.78 -13.51
N VAL A 248 -3.66 33.62 -14.16
CA VAL A 248 -3.54 32.35 -13.43
C VAL A 248 -2.29 32.35 -12.55
N PHE A 249 -1.17 32.79 -13.12
CA PHE A 249 0.10 32.84 -12.39
C PHE A 249 0.11 33.93 -11.31
N ARG A 250 -0.54 35.06 -11.59
CA ARG A 250 -0.69 36.13 -10.60
C ARG A 250 -1.40 35.57 -9.38
N ARG A 251 -2.56 34.97 -9.61
CA ARG A 251 -3.38 34.42 -8.53
C ARG A 251 -2.61 33.35 -7.76
N PHE A 252 -1.89 32.52 -8.50
CA PHE A 252 -1.03 31.49 -7.92
C PHE A 252 -0.02 32.07 -6.93
N CYS A 253 0.73 33.07 -7.39
CA CYS A 253 1.77 33.69 -6.55
C CYS A 253 1.19 34.44 -5.36
N VAL A 254 0.10 35.17 -5.57
CA VAL A 254 -0.49 35.93 -4.47
C VAL A 254 -1.03 35.00 -3.40
N GLY A 255 -1.78 33.97 -3.81
CA GLY A 255 -2.33 33.03 -2.85
C GLY A 255 -1.25 32.26 -2.11
N LEU A 256 -0.25 31.81 -2.86
CA LEU A 256 0.87 31.09 -2.28
C LEU A 256 1.62 31.93 -1.24
N GLN A 257 1.85 33.21 -1.54
CA GLN A 257 2.53 34.09 -0.59
C GLN A 257 1.65 34.43 0.63
N LYS A 258 0.33 34.49 0.45
CA LYS A 258 -0.57 34.71 1.58
C LYS A 258 -0.48 33.56 2.58
N ILE A 259 -0.51 32.34 2.07
CA ILE A 259 -0.38 31.14 2.89
C ILE A 259 0.98 31.11 3.58
N GLU A 260 2.01 31.38 2.79
CA GLU A 260 3.39 31.42 3.29
C GLU A 260 3.56 32.35 4.48
N GLU A 261 3.03 33.56 4.40
CA GLU A 261 3.22 34.53 5.47
C GLU A 261 2.52 34.09 6.76
N ILE A 262 1.38 33.40 6.62
CA ILE A 262 0.69 32.88 7.81
C ILE A 262 1.52 31.77 8.46
N PHE A 263 2.03 30.86 7.64
CA PHE A 263 2.88 29.76 8.12
C PHE A 263 4.16 30.28 8.76
N LYS A 264 4.77 31.27 8.14
CA LYS A 264 6.00 31.87 8.64
C LYS A 264 5.76 32.47 10.03
N LYS A 265 4.67 33.20 10.19
CA LYS A 265 4.33 33.79 11.50
C LYS A 265 4.13 32.73 12.59
N ALA A 266 3.58 31.58 12.21
CA ALA A 266 3.38 30.45 13.13
C ALA A 266 4.68 29.69 13.44
N GLY A 267 5.77 29.99 12.75
CA GLY A 267 7.06 29.33 12.98
C GLY A 267 7.15 28.03 12.21
N HIS A 268 6.38 27.93 11.14
CA HIS A 268 6.37 26.73 10.30
C HIS A 268 6.40 27.14 8.84
N PRO A 269 7.49 27.74 8.39
CA PRO A 269 7.57 28.17 7.02
C PRO A 269 7.67 26.99 6.08
N PHE A 270 7.41 27.26 4.81
CA PHE A 270 7.63 26.26 3.77
C PHE A 270 9.07 25.75 3.85
N MET A 271 9.25 24.44 3.72
CA MET A 271 10.60 23.85 3.69
C MET A 271 11.33 24.29 2.44
N TRP A 272 12.50 24.90 2.61
CA TRP A 272 13.23 25.50 1.48
C TRP A 272 14.71 25.60 1.86
N ASN A 273 15.59 25.37 0.90
CA ASN A 273 16.99 25.75 1.06
C ASN A 273 17.60 26.20 -0.26
N GLU A 274 18.76 26.86 -0.19
CA GLU A 274 19.38 27.46 -1.38
C GLU A 274 19.82 26.46 -2.43
N HIS A 275 20.01 25.23 -2.02
CA HIS A 275 20.47 24.21 -2.93
C HIS A 275 19.33 23.56 -3.71
N LEU A 276 18.31 23.07 -3.00
CA LEU A 276 17.21 22.31 -3.64
C LEU A 276 15.95 23.12 -3.85
N GLY A 277 15.96 24.38 -3.43
CA GLY A 277 14.73 25.15 -3.40
C GLY A 277 13.72 24.55 -2.45
N TYR A 278 12.46 24.47 -2.87
CA TYR A 278 11.42 23.89 -2.03
C TYR A 278 11.58 22.38 -1.96
N VAL A 279 11.53 21.88 -0.72
CA VAL A 279 11.74 20.46 -0.44
C VAL A 279 10.43 19.73 -0.48
N LEU A 280 10.41 18.62 -1.20
CA LEU A 280 9.23 17.77 -1.30
C LEU A 280 9.68 16.31 -1.22
N THR A 281 8.68 15.42 -1.16
CA THR A 281 8.94 13.98 -0.98
C THR A 281 9.73 13.36 -2.14
N CYS A 282 9.33 13.70 -3.35
CA CYS A 282 9.92 13.11 -4.53
C CYS A 282 11.03 13.99 -5.10
N PRO A 283 12.24 13.45 -5.24
CA PRO A 283 13.36 14.21 -5.84
C PRO A 283 13.08 14.85 -7.21
N SER A 284 12.19 14.25 -7.99
CA SER A 284 11.83 14.76 -9.31
C SER A 284 11.10 16.11 -9.22
N ASN A 285 10.52 16.41 -8.05
CA ASN A 285 9.67 17.60 -7.87
C ASN A 285 10.35 18.74 -7.11
N LEU A 286 11.67 18.65 -6.91
CA LEU A 286 12.39 19.66 -6.16
C LEU A 286 12.47 20.98 -6.92
N GLY A 287 13.00 22.01 -6.28
CA GLY A 287 13.15 23.31 -6.93
C GLY A 287 11.92 24.16 -6.80
N THR A 288 11.12 24.17 -7.86
CA THR A 288 9.84 24.90 -7.87
C THR A 288 8.65 24.01 -7.58
N GLY A 289 8.81 22.69 -7.75
CA GLY A 289 7.68 21.77 -7.71
C GLY A 289 6.58 22.14 -8.68
N LEU A 290 6.90 22.97 -9.67
CA LEU A 290 5.89 23.69 -10.44
C LEU A 290 5.62 23.04 -11.79
N ARG A 291 4.33 22.87 -12.10
CA ARG A 291 3.89 22.44 -13.41
C ARG A 291 2.88 23.47 -13.87
N GLY A 292 3.32 24.34 -14.77
CA GLY A 292 2.47 25.35 -15.36
C GLY A 292 2.12 24.88 -16.75
N GLY A 293 0.84 24.85 -17.08
CA GLY A 293 0.45 24.29 -18.35
C GLY A 293 -0.89 24.75 -18.87
N VAL A 294 -1.19 24.31 -20.08
CA VAL A 294 -2.42 24.64 -20.76
C VAL A 294 -3.03 23.38 -21.36
N HIS A 295 -4.34 23.39 -21.52
CA HIS A 295 -4.98 22.47 -22.46
C HIS A 295 -5.08 23.24 -23.76
N VAL A 296 -4.47 22.70 -24.82
CA VAL A 296 -4.34 23.41 -26.09
C VAL A 296 -4.63 22.48 -27.28
N LYS A 297 -5.54 22.91 -28.14
CA LYS A 297 -5.89 22.15 -29.34
C LYS A 297 -4.83 22.34 -30.42
N LEU A 298 -4.18 21.24 -30.78
CA LEU A 298 -3.10 21.21 -31.76
C LEU A 298 -3.40 20.13 -32.79
N ALA A 299 -4.52 20.27 -33.48
CA ALA A 299 -5.02 19.23 -34.41
C ALA A 299 -3.97 18.80 -35.44
N HIS A 300 -3.31 19.77 -36.07
CA HIS A 300 -2.33 19.48 -37.10
C HIS A 300 -0.95 19.27 -36.53
N LEU A 301 -0.53 20.14 -35.61
CA LEU A 301 0.82 20.05 -35.05
C LEU A 301 1.04 18.72 -34.32
N SER A 302 -0.02 18.22 -33.67
CA SER A 302 -0.01 16.89 -33.07
C SER A 302 0.38 15.83 -34.09
N LYS A 303 -0.20 15.93 -35.28
CA LYS A 303 0.04 14.99 -36.36
C LYS A 303 1.11 15.52 -37.32
N HIS A 304 2.24 15.94 -36.74
CA HIS A 304 3.37 16.48 -37.50
C HIS A 304 4.66 15.74 -37.12
N PRO A 305 5.52 15.44 -38.10
CA PRO A 305 6.76 14.68 -37.86
C PRO A 305 7.68 15.20 -36.73
N LYS A 306 7.81 16.52 -36.63
CA LYS A 306 8.72 17.14 -35.65
C LYS A 306 8.05 17.57 -34.34
N PHE A 307 6.84 17.05 -34.05
CA PHE A 307 6.09 17.48 -32.87
C PHE A 307 6.84 17.23 -31.56
N GLU A 308 7.34 16.00 -31.37
CA GLU A 308 8.06 15.63 -30.15
C GLU A 308 9.36 16.41 -30.03
N GLU A 309 9.97 16.70 -31.17
CA GLU A 309 11.22 17.46 -31.22
C GLU A 309 11.02 18.93 -30.86
N ILE A 310 9.88 19.50 -31.24
CA ILE A 310 9.61 20.92 -30.94
C ILE A 310 9.39 21.10 -29.43
N LEU A 311 8.67 20.18 -28.82
CA LEU A 311 8.48 20.17 -27.37
C LEU A 311 9.82 20.17 -26.65
N THR A 312 10.68 19.23 -27.04
CA THR A 312 12.04 19.13 -26.51
C THR A 312 12.81 20.44 -26.62
N ARG A 313 12.75 21.07 -27.80
CA ARG A 313 13.47 22.33 -28.03
C ARG A 313 12.92 23.47 -27.18
N LEU A 314 11.61 23.46 -26.95
CA LEU A 314 10.96 24.48 -26.12
C LEU A 314 11.01 24.16 -24.62
N ARG A 315 11.56 23.00 -24.26
CA ARG A 315 11.66 22.53 -22.88
C ARG A 315 10.28 22.27 -22.28
N LEU A 316 9.41 21.68 -23.09
CA LEU A 316 8.05 21.38 -22.68
C LEU A 316 7.80 19.88 -22.67
N GLN A 317 6.71 19.49 -22.03
CA GLN A 317 6.28 18.11 -21.94
C GLN A 317 4.80 18.04 -22.31
N LYS A 318 4.33 16.86 -22.68
CA LYS A 318 2.91 16.68 -23.02
C LYS A 318 2.28 15.49 -22.30
N ARG A 319 0.98 15.59 -22.07
CA ARG A 319 0.19 14.53 -21.46
C ARG A 319 -1.16 14.48 -22.18
N GLY A 320 -2.05 13.60 -21.73
CA GLY A 320 -3.40 13.53 -22.28
C GLY A 320 -4.25 14.72 -21.86
N THR A 321 -5.56 14.61 -22.09
CA THR A 321 -6.49 15.67 -21.71
C THR A 321 -6.96 15.49 -20.26
N GLY A 322 -7.01 14.24 -19.80
CA GLY A 322 -7.49 13.92 -18.45
C GLY A 322 -6.39 13.62 -17.44
N GLY A 323 -5.13 13.87 -17.81
CA GLY A 323 -4.01 13.66 -16.89
C GLY A 323 -2.82 12.98 -17.51
N VAL A 324 -1.97 12.43 -16.64
CA VAL A 324 -0.67 11.87 -17.05
C VAL A 324 -0.78 10.68 -18.00
N ASP A 325 -1.71 9.76 -17.73
CA ASP A 325 -1.88 8.56 -18.55
C ASP A 325 -3.19 8.59 -19.31
N THR A 326 -3.35 9.57 -20.19
CA THR A 326 -4.55 9.70 -21.02
C THR A 326 -4.13 10.03 -22.46
N ALA A 327 -5.02 9.79 -23.41
CA ALA A 327 -4.69 9.83 -24.84
C ALA A 327 -5.08 11.12 -25.56
N ALA A 328 -5.24 12.21 -24.82
CA ALA A 328 -5.56 13.52 -25.41
C ALA A 328 -6.81 13.46 -26.28
N VAL A 329 -7.97 13.35 -25.64
CA VAL A 329 -9.24 13.23 -26.37
C VAL A 329 -9.51 14.45 -27.25
N GLY A 330 -10.08 14.19 -28.42
CA GLY A 330 -10.21 15.22 -29.45
C GLY A 330 -8.85 15.48 -30.04
N SER A 331 -8.34 16.69 -29.79
CA SER A 331 -6.98 17.06 -30.18
C SER A 331 -6.28 17.87 -29.09
N VAL A 332 -6.79 17.77 -27.85
CA VAL A 332 -6.41 18.66 -26.77
C VAL A 332 -5.26 18.04 -25.97
N PHE A 333 -4.12 18.71 -25.96
CA PHE A 333 -2.94 18.25 -25.23
C PHE A 333 -2.65 19.14 -24.02
N ASP A 334 -2.28 18.47 -22.93
CA ASP A 334 -1.79 19.13 -21.73
C ASP A 334 -0.30 19.39 -21.90
N ILE A 335 0.04 20.65 -22.18
CA ILE A 335 1.43 21.07 -22.42
C ILE A 335 1.92 21.85 -21.19
N SER A 336 3.09 21.47 -20.67
CA SER A 336 3.64 22.13 -19.48
C SER A 336 5.17 22.15 -19.51
N ASN A 337 5.76 22.95 -18.63
CA ASN A 337 7.23 22.99 -18.49
C ASN A 337 7.78 21.65 -18.03
N ALA A 338 8.91 21.23 -18.60
CA ALA A 338 9.59 20.01 -18.17
C ALA A 338 10.49 20.25 -16.96
N ASP A 339 11.06 21.45 -16.86
CA ASP A 339 12.00 21.82 -15.80
C ASP A 339 11.36 22.00 -14.42
N ARG A 340 12.15 21.71 -13.39
CA ARG A 340 11.74 21.88 -11.99
C ARG A 340 12.85 22.52 -11.16
N LEU A 341 14.07 22.01 -11.30
CA LEU A 341 15.21 22.40 -10.46
C LEU A 341 16.28 23.08 -11.31
N GLY A 342 16.84 24.16 -10.77
CA GLY A 342 17.83 25.00 -11.47
C GLY A 342 17.27 26.09 -12.37
N SER A 343 15.97 26.34 -12.25
CA SER A 343 15.32 27.47 -12.92
C SER A 343 14.14 27.91 -12.05
N SER A 344 13.77 29.18 -12.15
CA SER A 344 12.75 29.75 -11.26
C SER A 344 11.33 29.49 -11.74
N GLU A 345 10.37 29.84 -10.88
CA GLU A 345 8.96 29.69 -11.19
C GLU A 345 8.61 30.59 -12.38
N VAL A 346 9.09 31.82 -12.34
CA VAL A 346 8.87 32.77 -13.43
C VAL A 346 9.49 32.24 -14.74
N GLU A 347 10.71 31.72 -14.67
CA GLU A 347 11.39 31.20 -15.86
C GLU A 347 10.62 30.05 -16.48
N GLN A 348 10.08 29.17 -15.64
CA GLN A 348 9.37 28.00 -16.10
C GLN A 348 8.05 28.37 -16.78
N VAL A 349 7.29 29.27 -16.17
CA VAL A 349 6.02 29.70 -16.76
C VAL A 349 6.26 30.52 -18.04
N GLN A 350 7.34 31.30 -18.05
CA GLN A 350 7.72 32.04 -19.24
C GLN A 350 7.97 31.12 -20.42
N LEU A 351 8.63 29.99 -20.16
CA LEU A 351 8.86 28.98 -21.20
C LEU A 351 7.55 28.43 -21.74
N VAL A 352 6.55 28.31 -20.86
CA VAL A 352 5.24 27.84 -21.26
C VAL A 352 4.52 28.89 -22.10
N VAL A 353 4.53 30.14 -21.63
CA VAL A 353 3.92 31.26 -22.38
C VAL A 353 4.57 31.39 -23.75
N ASP A 354 5.89 31.55 -23.77
CA ASP A 354 6.64 31.73 -25.02
C ASP A 354 6.47 30.53 -25.95
N GLY A 355 6.59 29.33 -25.39
CA GLY A 355 6.53 28.10 -26.18
C GLY A 355 5.15 27.82 -26.76
N VAL A 356 4.12 28.02 -25.96
CA VAL A 356 2.73 27.82 -26.40
C VAL A 356 2.34 28.85 -27.45
N LYS A 357 2.83 30.09 -27.31
CA LYS A 357 2.58 31.13 -28.30
C LYS A 357 3.14 30.73 -29.67
N LEU A 358 4.39 30.24 -29.67
CA LEU A 358 5.04 29.80 -30.91
C LEU A 358 4.30 28.64 -31.56
N MET A 359 3.89 27.66 -30.75
CA MET A 359 3.22 26.47 -31.26
C MET A 359 1.81 26.76 -31.80
N VAL A 360 1.18 27.83 -31.32
CA VAL A 360 -0.10 28.28 -31.87
C VAL A 360 0.14 28.98 -33.21
N GLU A 361 1.20 29.80 -33.28
CA GLU A 361 1.61 30.42 -34.55
C GLU A 361 1.95 29.35 -35.59
N MET A 362 2.64 28.31 -35.14
CA MET A 362 2.98 27.19 -36.00
C MET A 362 1.73 26.49 -36.52
N GLU A 363 0.78 26.21 -35.63
CA GLU A 363 -0.45 25.49 -36.03
C GLU A 363 -1.28 26.31 -37.02
N LYS A 364 -1.26 27.64 -36.86
CA LYS A 364 -1.96 28.54 -37.79
C LYS A 364 -1.38 28.47 -39.20
N LYS A 365 -0.05 28.34 -39.29
CA LYS A 365 0.61 28.15 -40.58
C LYS A 365 0.27 26.79 -41.20
N LEU A 366 0.14 25.77 -40.35
CA LEU A 366 -0.13 24.40 -40.81
C LEU A 366 -1.56 24.22 -41.31
N GLU A 367 -2.53 24.87 -40.66
CA GLU A 367 -3.93 24.79 -41.10
C GLU A 367 -4.15 25.54 -42.42
N LYS A 368 -3.28 26.51 -42.71
CA LYS A 368 -3.23 27.14 -44.03
C LYS A 368 -2.47 26.26 -45.03
N GLY A 369 -1.45 25.56 -44.53
CA GLY A 369 -0.64 24.67 -45.37
C GLY A 369 0.74 25.24 -45.68
N GLN A 370 1.19 26.21 -44.90
CA GLN A 370 2.56 26.72 -45.02
C GLN A 370 3.53 25.80 -44.29
N SER A 371 4.80 25.86 -44.68
CA SER A 371 5.82 25.00 -44.10
C SER A 371 6.28 25.54 -42.76
N ILE A 372 6.37 24.64 -41.78
CA ILE A 372 6.95 24.94 -40.48
C ILE A 372 8.45 24.58 -40.53
N ASP A 373 9.26 25.47 -41.06
CA ASP A 373 10.66 25.17 -41.31
C ASP A 373 11.53 26.43 -41.29
N ASP A 374 11.37 27.21 -40.23
CA ASP A 374 12.08 28.48 -40.04
C ASP A 374 11.73 29.10 -38.68
N MET A 375 10.55 28.76 -38.17
CA MET A 375 10.12 29.19 -36.84
C MET A 375 10.63 28.24 -35.77
N ILE A 376 11.12 27.07 -36.21
CA ILE A 376 11.68 26.07 -35.29
C ILE A 376 12.85 26.68 -34.54
N PRO A 377 12.70 26.86 -33.23
CA PRO A 377 13.67 27.60 -32.45
C PRO A 377 14.87 26.74 -32.13
N ALA A 378 15.98 27.39 -31.78
CA ALA A 378 17.12 26.69 -31.24
C ALA A 378 16.70 26.03 -29.93
N GLN A 379 17.46 25.03 -29.51
CA GLN A 379 17.24 24.40 -28.22
C GLN A 379 17.42 25.46 -27.14
N LYS A 380 16.37 25.69 -26.34
CA LYS A 380 16.44 26.63 -25.23
C LYS A 380 17.20 26.03 -24.06
N PRO B 1 3.90 0.26 10.07
CA PRO B 1 4.85 -0.22 9.08
C PRO B 1 5.63 0.91 8.41
N PHE B 2 6.57 0.54 7.56
CA PHE B 2 7.36 1.48 6.78
C PHE B 2 8.19 2.34 7.72
N GLY B 3 8.55 3.54 7.29
CA GLY B 3 9.34 4.43 8.14
C GLY B 3 8.63 4.79 9.42
N ASN B 4 7.30 4.85 9.36
CA ASN B 4 6.49 5.32 10.48
C ASN B 4 6.66 4.45 11.74
N THR B 5 6.98 3.18 11.53
CA THR B 5 7.34 2.29 12.63
C THR B 5 8.29 2.93 13.63
N HIS B 6 9.29 3.63 13.09
CA HIS B 6 10.35 4.21 13.90
C HIS B 6 10.42 5.73 13.70
N ASN B 7 9.25 6.37 13.56
CA ASN B 7 9.18 7.82 13.57
C ASN B 7 9.32 8.30 15.01
N LYS B 8 10.47 8.90 15.31
CA LYS B 8 10.84 9.27 16.68
C LYS B 8 10.04 10.46 17.19
N TYR B 9 9.38 11.20 16.31
CA TYR B 9 8.64 12.38 16.74
C TYR B 9 7.28 12.06 17.35
N LYS B 10 6.83 10.80 17.27
CA LYS B 10 5.56 10.42 17.91
C LYS B 10 5.56 10.74 19.40
N LEU B 11 6.74 10.67 20.03
CA LEU B 11 6.98 11.10 21.42
C LEU B 11 6.43 12.49 21.70
N ASN B 12 6.57 13.37 20.71
CA ASN B 12 6.31 14.79 20.88
C ASN B 12 4.83 15.15 20.86
N TYR B 13 3.97 14.18 20.54
CA TYR B 13 2.54 14.40 20.45
C TYR B 13 1.79 13.70 21.58
N LYS B 14 0.67 14.27 21.99
CA LYS B 14 -0.16 13.69 23.05
C LYS B 14 -0.79 12.42 22.54
N SER B 15 -1.12 11.50 23.44
CA SER B 15 -1.82 10.27 23.05
C SER B 15 -3.05 10.56 22.18
N GLU B 16 -3.90 11.49 22.62
CA GLU B 16 -5.12 11.83 21.86
C GLU B 16 -4.83 12.47 20.50
N GLU B 17 -3.64 13.03 20.34
CA GLU B 17 -3.22 13.58 19.06
C GLU B 17 -2.84 12.48 18.05
N GLU B 18 -2.35 11.35 18.55
CA GLU B 18 -1.95 10.21 17.71
C GLU B 18 -3.03 9.16 17.61
N TYR B 19 -4.05 9.22 18.48
CA TYR B 19 -5.08 8.18 18.53
C TYR B 19 -5.82 8.06 17.20
N PRO B 20 -6.01 6.84 16.68
CA PRO B 20 -6.67 6.71 15.37
C PRO B 20 -8.14 7.08 15.38
N ASP B 21 -8.63 7.54 14.24
CA ASP B 21 -10.04 7.79 14.07
C ASP B 21 -10.68 6.51 13.56
N LEU B 22 -11.32 5.78 14.49
CA LEU B 22 -11.96 4.51 14.17
C LEU B 22 -13.48 4.63 14.11
N SER B 23 -14.00 5.85 13.97
CA SER B 23 -15.42 6.02 13.76
C SER B 23 -15.79 5.29 12.46
N LYS B 24 -16.94 4.63 12.48
CA LYS B 24 -17.42 3.82 11.34
C LYS B 24 -16.37 2.83 10.80
N HIS B 25 -15.59 2.28 11.73
CA HIS B 25 -14.76 1.12 11.44
C HIS B 25 -15.51 -0.09 12.01
N ASN B 26 -15.44 -1.20 11.29
CA ASN B 26 -16.11 -2.43 11.69
C ASN B 26 -15.14 -3.60 11.58
N ASN B 27 -14.19 -3.66 12.51
CA ASN B 27 -13.24 -4.78 12.60
C ASN B 27 -12.96 -5.06 14.07
N HIS B 28 -12.35 -6.20 14.37
CA HIS B 28 -12.23 -6.61 15.78
C HIS B 28 -11.38 -5.64 16.58
N MET B 29 -10.31 -5.13 15.97
CA MET B 29 -9.44 -4.16 16.64
C MET B 29 -10.22 -2.92 17.07
N ALA B 30 -11.03 -2.38 16.17
CA ALA B 30 -11.77 -1.14 16.45
C ALA B 30 -12.85 -1.34 17.51
N LYS B 31 -13.26 -2.59 17.69
CA LYS B 31 -14.22 -2.95 18.71
C LYS B 31 -13.59 -2.90 20.12
N VAL B 32 -12.27 -3.06 20.18
CA VAL B 32 -11.54 -3.19 21.43
C VAL B 32 -10.69 -1.98 21.83
N LEU B 33 -10.02 -1.35 20.87
CA LEU B 33 -9.15 -0.23 21.23
C LEU B 33 -9.92 0.88 21.94
N THR B 34 -9.30 1.42 22.99
CA THR B 34 -9.83 2.57 23.72
C THR B 34 -8.74 3.61 23.86
N PRO B 35 -9.12 4.86 24.16
CA PRO B 35 -8.12 5.89 24.51
C PRO B 35 -7.15 5.44 25.61
N ASP B 36 -7.65 4.78 26.64
CA ASP B 36 -6.78 4.35 27.75
C ASP B 36 -5.77 3.29 27.32
N LEU B 37 -6.22 2.32 26.52
CA LEU B 37 -5.33 1.27 26.01
C LEU B 37 -4.24 1.88 25.16
N TYR B 38 -4.63 2.80 24.28
CA TYR B 38 -3.68 3.47 23.39
C TYR B 38 -2.65 4.24 24.22
N LYS B 39 -3.14 5.02 25.18
CA LYS B 39 -2.21 5.77 26.05
C LYS B 39 -1.23 4.86 26.78
N LYS B 40 -1.73 3.73 27.26
CA LYS B 40 -0.93 2.79 28.04
C LYS B 40 0.16 2.12 27.21
N LEU B 41 -0.16 1.80 25.96
CA LEU B 41 0.68 0.92 25.18
C LEU B 41 1.48 1.61 24.07
N ARG B 42 1.20 2.88 23.82
CA ARG B 42 1.83 3.60 22.69
C ARG B 42 3.32 3.86 22.87
N ASP B 43 3.82 3.71 24.11
CA ASP B 43 5.24 3.93 24.36
C ASP B 43 5.99 2.62 24.53
N LYS B 44 5.34 1.50 24.19
CA LYS B 44 5.92 0.18 24.36
C LYS B 44 6.47 -0.30 23.02
N GLU B 45 7.47 -1.18 23.08
CA GLU B 45 7.96 -1.82 21.86
C GLU B 45 8.44 -3.23 22.18
N THR B 46 8.41 -4.09 21.17
CA THR B 46 9.01 -5.42 21.29
C THR B 46 10.52 -5.30 21.08
N PRO B 47 11.26 -6.38 21.32
CA PRO B 47 12.72 -6.32 21.16
C PRO B 47 13.20 -5.98 19.74
N SER B 48 12.36 -6.21 18.72
CA SER B 48 12.68 -5.83 17.34
C SER B 48 12.11 -4.46 16.93
N GLY B 49 11.52 -3.75 17.90
CA GLY B 49 10.99 -2.43 17.67
C GLY B 49 9.59 -2.36 17.09
N PHE B 50 8.83 -3.45 17.23
CA PHE B 50 7.42 -3.44 16.77
C PHE B 50 6.60 -2.68 17.81
N THR B 51 5.69 -1.82 17.35
CA THR B 51 4.94 -0.93 18.21
C THR B 51 3.44 -1.10 18.05
N LEU B 52 2.70 -0.46 18.96
CA LEU B 52 1.24 -0.52 18.91
C LEU B 52 0.71 -0.02 17.58
N ASP B 53 1.27 1.08 17.08
CA ASP B 53 0.82 1.61 15.79
C ASP B 53 1.03 0.58 14.67
N ASP B 54 2.12 -0.17 14.70
CA ASP B 54 2.30 -1.26 13.71
C ASP B 54 1.26 -2.36 13.88
N VAL B 55 0.97 -2.75 15.12
CA VAL B 55 -0.07 -3.74 15.37
C VAL B 55 -1.39 -3.36 14.69
N ILE B 56 -1.82 -2.11 14.89
CA ILE B 56 -3.16 -1.73 14.50
C ILE B 56 -3.32 -1.13 13.11
N GLN B 57 -2.22 -0.89 12.40
CA GLN B 57 -2.29 -0.10 11.16
C GLN B 57 -3.33 -0.63 10.16
N THR B 58 -3.38 -1.94 9.97
CA THR B 58 -4.30 -2.49 8.97
C THR B 58 -5.77 -2.24 9.33
N GLY B 59 -6.09 -2.29 10.63
CA GLY B 59 -7.45 -2.00 11.08
C GLY B 59 -7.80 -0.52 11.05
N VAL B 60 -6.80 0.36 11.07
CA VAL B 60 -7.06 1.78 10.85
C VAL B 60 -7.36 1.99 9.35
N ASP B 61 -6.51 1.44 8.51
CA ASP B 61 -6.60 1.63 7.08
C ASP B 61 -7.79 0.94 6.45
N ASN B 62 -8.20 -0.19 7.04
CA ASN B 62 -9.25 -1.06 6.47
C ASN B 62 -10.44 -1.11 7.42
N PRO B 63 -11.35 -0.15 7.30
CA PRO B 63 -12.51 -0.11 8.19
C PRO B 63 -13.41 -1.33 8.06
N GLY B 64 -13.44 -1.96 6.90
CA GLY B 64 -14.18 -3.18 6.72
C GLY B 64 -13.52 -3.99 5.60
N HIS B 65 -14.29 -4.92 5.07
CA HIS B 65 -13.83 -5.80 4.00
C HIS B 65 -15.07 -6.20 3.21
N PRO B 66 -14.96 -6.35 1.90
CA PRO B 66 -16.14 -6.69 1.09
C PRO B 66 -16.77 -8.06 1.34
N PHE B 67 -16.02 -8.99 1.94
CA PHE B 67 -16.51 -10.37 2.06
C PHE B 67 -16.57 -10.96 3.47
N ILE B 68 -15.63 -10.60 4.32
CA ILE B 68 -15.59 -11.13 5.68
C ILE B 68 -15.42 -10.04 6.73
N MET B 69 -15.62 -10.44 7.98
CA MET B 69 -15.28 -9.64 9.15
C MET B 69 -13.80 -9.87 9.41
N THR B 70 -13.06 -8.78 9.56
CA THR B 70 -11.61 -8.81 9.74
C THR B 70 -11.17 -8.48 11.17
N VAL B 71 -9.99 -8.98 11.51
CA VAL B 71 -9.41 -8.78 12.82
C VAL B 71 -8.87 -7.35 13.02
N GLY B 72 -8.25 -6.77 12.01
CA GLY B 72 -7.81 -5.37 12.05
C GLY B 72 -6.51 -5.11 12.79
N CYS B 73 -5.74 -6.17 13.04
CA CYS B 73 -4.41 -6.01 13.64
C CYS B 73 -3.56 -7.25 13.38
N VAL B 74 -2.25 -7.08 13.53
CA VAL B 74 -1.28 -8.16 13.33
C VAL B 74 -0.22 -8.14 14.41
N ALA B 75 0.42 -9.27 14.60
CA ALA B 75 1.64 -9.37 15.36
C ALA B 75 2.86 -9.24 14.44
N GLY B 76 3.93 -8.66 14.96
CA GLY B 76 5.19 -8.52 14.20
C GLY B 76 6.29 -9.45 14.66
N ASP B 77 6.04 -10.16 15.76
CA ASP B 77 6.97 -11.10 16.36
C ASP B 77 6.24 -11.83 17.47
N GLU B 78 6.90 -12.79 18.09
CA GLU B 78 6.27 -13.56 19.16
C GLU B 78 5.89 -12.66 20.34
N GLU B 79 6.79 -11.75 20.67
CA GLU B 79 6.64 -10.86 21.82
C GLU B 79 5.43 -9.93 21.70
N SER B 80 5.00 -9.65 20.48
CA SER B 80 3.80 -8.81 20.25
C SER B 80 2.61 -9.24 21.09
N TYR B 81 2.38 -10.55 21.14
CA TYR B 81 1.22 -11.08 21.86
C TYR B 81 1.30 -10.91 23.39
N THR B 82 2.50 -10.71 23.91
CA THR B 82 2.67 -10.41 25.34
C THR B 82 2.68 -8.91 25.64
N VAL B 83 3.50 -8.16 24.92
CA VAL B 83 3.62 -6.72 25.14
C VAL B 83 2.27 -6.04 24.96
N PHE B 84 1.51 -6.45 23.93
CA PHE B 84 0.22 -5.85 23.62
C PHE B 84 -0.96 -6.76 23.95
N LYS B 85 -0.78 -7.62 24.95
CA LYS B 85 -1.80 -8.58 25.32
C LYS B 85 -3.14 -7.97 25.70
N ASP B 86 -3.12 -6.77 26.28
CA ASP B 86 -4.37 -6.15 26.70
C ASP B 86 -5.23 -5.77 25.50
N LEU B 87 -4.63 -5.61 24.32
CA LEU B 87 -5.38 -5.40 23.09
C LEU B 87 -5.72 -6.72 22.43
N PHE B 88 -4.72 -7.60 22.28
CA PHE B 88 -4.92 -8.87 21.58
C PHE B 88 -5.91 -9.80 22.27
N ASP B 89 -5.83 -9.93 23.59
CA ASP B 89 -6.63 -10.96 24.25
C ASP B 89 -8.15 -10.81 24.07
N PRO B 90 -8.71 -9.62 24.29
CA PRO B 90 -10.14 -9.42 23.98
C PRO B 90 -10.49 -9.66 22.51
N ILE B 91 -9.56 -9.35 21.60
CA ILE B 91 -9.81 -9.58 20.17
C ILE B 91 -9.87 -11.09 19.88
N ILE B 92 -8.89 -11.81 20.40
CA ILE B 92 -8.83 -13.27 20.29
C ILE B 92 -10.09 -13.91 20.88
N GLN B 93 -10.53 -13.44 22.04
CA GLN B 93 -11.75 -13.95 22.66
C GLN B 93 -12.96 -13.76 21.73
N ASP B 94 -13.09 -12.56 21.18
CA ASP B 94 -14.17 -12.24 20.25
C ASP B 94 -14.09 -13.08 18.97
N ARG B 95 -12.90 -13.11 18.38
CA ARG B 95 -12.72 -13.72 17.06
C ARG B 95 -12.92 -15.24 17.09
N HIS B 96 -12.52 -15.89 18.18
CA HIS B 96 -12.57 -17.35 18.26
C HIS B 96 -13.77 -17.90 19.03
N GLY B 97 -14.80 -17.08 19.20
CA GLY B 97 -16.07 -17.55 19.75
C GLY B 97 -16.03 -17.78 21.25
N GLY B 98 -15.31 -16.91 21.96
CA GLY B 98 -15.30 -16.91 23.41
C GLY B 98 -14.09 -17.52 24.10
N PHE B 99 -12.96 -17.61 23.42
CA PHE B 99 -11.75 -18.17 24.01
C PHE B 99 -11.16 -17.20 25.03
N LYS B 100 -11.19 -17.59 26.29
CA LYS B 100 -10.79 -16.68 27.37
C LYS B 100 -9.28 -16.72 27.63
N PRO B 101 -8.73 -15.66 28.22
CA PRO B 101 -7.34 -15.67 28.69
C PRO B 101 -6.98 -16.86 29.59
N THR B 102 -7.98 -17.41 30.30
CA THR B 102 -7.77 -18.57 31.15
C THR B 102 -7.93 -19.90 30.44
N ASP B 103 -8.46 -19.88 29.21
CA ASP B 103 -8.56 -21.11 28.42
C ASP B 103 -7.20 -21.49 27.85
N LYS B 104 -7.11 -22.72 27.36
CA LYS B 104 -5.87 -23.27 26.83
C LYS B 104 -6.06 -23.82 25.43
N HIS B 105 -5.03 -23.66 24.60
CA HIS B 105 -4.96 -24.33 23.30
C HIS B 105 -5.12 -25.85 23.47
N LYS B 106 -5.80 -26.47 22.51
CA LYS B 106 -6.02 -27.91 22.50
C LYS B 106 -5.42 -28.50 21.23
N THR B 107 -4.63 -29.54 21.36
CA THR B 107 -4.45 -30.46 20.25
C THR B 107 -4.39 -31.88 20.74
N ASP B 108 -4.84 -32.76 19.86
CA ASP B 108 -4.34 -34.10 19.83
C ASP B 108 -3.71 -34.26 18.45
N LEU B 109 -3.18 -35.44 18.18
CA LEU B 109 -2.65 -35.78 16.88
C LEU B 109 -3.53 -36.85 16.21
N ASN B 110 -4.71 -37.10 16.76
CA ASN B 110 -5.55 -38.26 16.40
C ASN B 110 -6.44 -38.02 15.19
N HIS B 111 -5.81 -37.76 14.04
CA HIS B 111 -6.54 -37.46 12.81
C HIS B 111 -7.47 -38.59 12.38
N GLU B 112 -7.15 -39.82 12.78
CA GLU B 112 -7.95 -40.97 12.38
C GLU B 112 -9.32 -40.98 13.08
N ASN B 113 -9.52 -40.12 14.09
CA ASN B 113 -10.81 -40.04 14.79
C ASN B 113 -11.89 -39.26 14.05
N LEU B 114 -11.55 -38.66 12.90
CA LEU B 114 -12.55 -37.99 12.08
C LEU B 114 -13.58 -39.03 11.66
N LYS B 115 -14.85 -38.67 11.83
CA LYS B 115 -15.98 -39.54 11.54
C LYS B 115 -16.54 -39.13 10.19
N GLY B 116 -16.53 -40.05 9.24
CA GLY B 116 -16.98 -39.76 7.90
C GLY B 116 -16.01 -38.80 7.24
N GLY B 117 -16.50 -38.04 6.27
CA GLY B 117 -15.66 -37.07 5.59
C GLY B 117 -14.86 -37.64 4.43
N ASP B 118 -14.95 -38.95 4.22
CA ASP B 118 -14.27 -39.57 3.08
C ASP B 118 -15.14 -39.61 1.83
N ASP B 119 -16.35 -39.08 1.93
CA ASP B 119 -17.37 -39.29 0.92
C ASP B 119 -18.28 -38.07 0.66
N LEU B 120 -17.73 -36.87 0.84
CA LEU B 120 -18.49 -35.67 0.50
C LEU B 120 -18.83 -35.73 -0.98
N ASP B 121 -20.08 -35.44 -1.30
CA ASP B 121 -20.60 -35.63 -2.65
C ASP B 121 -19.81 -34.80 -3.69
N PRO B 122 -19.10 -35.46 -4.62
CA PRO B 122 -18.24 -34.73 -5.57
C PRO B 122 -19.00 -33.96 -6.64
N HIS B 123 -20.33 -34.13 -6.73
CA HIS B 123 -21.13 -33.29 -7.59
C HIS B 123 -21.16 -31.86 -7.05
N TYR B 124 -21.05 -31.71 -5.73
CA TYR B 124 -21.10 -30.41 -5.06
C TYR B 124 -19.73 -29.97 -4.55
N VAL B 125 -19.02 -30.89 -3.90
CA VAL B 125 -17.73 -30.60 -3.34
C VAL B 125 -16.67 -30.89 -4.41
N LEU B 126 -16.17 -29.81 -5.01
CA LEU B 126 -15.25 -29.89 -6.15
C LEU B 126 -13.79 -30.10 -5.73
N SER B 127 -13.45 -29.67 -4.52
CA SER B 127 -12.11 -29.83 -3.99
C SER B 127 -12.12 -29.64 -2.48
N SER B 128 -11.14 -30.27 -1.84
CA SER B 128 -10.99 -30.25 -0.40
C SER B 128 -9.57 -29.83 -0.06
N ARG B 129 -9.44 -28.98 0.95
CA ARG B 129 -8.15 -28.42 1.33
C ARG B 129 -8.05 -28.22 2.84
N VAL B 130 -6.86 -28.45 3.38
CA VAL B 130 -6.58 -28.17 4.77
C VAL B 130 -5.25 -27.45 4.82
N ARG B 131 -5.24 -26.30 5.46
CA ARG B 131 -4.00 -25.58 5.67
C ARG B 131 -3.79 -25.18 7.11
N THR B 132 -2.54 -24.91 7.44
CA THR B 132 -2.16 -24.20 8.65
C THR B 132 -0.95 -23.33 8.36
N GLY B 133 -0.52 -22.59 9.38
CA GLY B 133 0.71 -21.82 9.31
C GLY B 133 1.64 -22.17 10.44
N LYS B 134 2.92 -21.90 10.24
CA LYS B 134 3.91 -21.98 11.32
C LYS B 134 4.87 -20.81 11.22
N SER B 135 5.31 -20.34 12.38
CA SER B 135 6.37 -19.33 12.47
C SER B 135 7.61 -19.96 13.06
N ILE B 136 8.77 -19.55 12.57
CA ILE B 136 10.03 -20.02 13.11
C ILE B 136 10.38 -19.21 14.34
N LYS B 137 10.53 -19.89 15.48
CA LYS B 137 10.87 -19.18 16.71
C LYS B 137 12.18 -18.39 16.53
N GLY B 138 12.20 -17.16 17.04
CA GLY B 138 13.37 -16.32 16.97
C GLY B 138 13.46 -15.37 15.79
N TYR B 139 12.45 -15.38 14.91
CA TYR B 139 12.44 -14.48 13.73
C TYR B 139 11.16 -13.67 13.71
N THR B 140 11.24 -12.40 13.30
CA THR B 140 10.08 -11.55 13.22
C THR B 140 9.17 -12.02 12.09
N LEU B 141 7.90 -11.64 12.20
CA LEU B 141 6.86 -12.07 11.28
C LEU B 141 6.75 -11.13 10.08
N PRO B 142 6.11 -11.59 9.00
CA PRO B 142 6.01 -10.82 7.74
C PRO B 142 5.64 -9.33 7.79
N PRO B 143 4.82 -8.85 8.72
CA PRO B 143 4.58 -7.41 8.74
C PRO B 143 5.84 -6.58 8.99
N HIS B 144 6.81 -7.18 9.68
CA HIS B 144 7.94 -6.46 10.25
C HIS B 144 9.32 -6.95 9.81
N CYS B 145 9.39 -8.17 9.27
CA CYS B 145 10.68 -8.80 8.99
C CYS B 145 11.45 -8.01 7.95
N SER B 146 12.74 -7.85 8.21
CA SER B 146 13.64 -7.20 7.28
C SER B 146 13.93 -8.14 6.11
N ARG B 147 14.53 -7.60 5.05
CA ARG B 147 14.95 -8.46 3.94
C ARG B 147 15.85 -9.59 4.45
N GLY B 148 16.77 -9.25 5.36
CA GLY B 148 17.71 -10.24 5.89
C GLY B 148 17.02 -11.34 6.69
N GLU B 149 16.07 -10.94 7.51
CA GLU B 149 15.33 -11.87 8.36
C GLU B 149 14.51 -12.82 7.51
N ARG B 150 13.83 -12.27 6.50
CA ARG B 150 13.03 -13.03 5.56
C ARG B 150 13.87 -14.06 4.83
N ARG B 151 15.05 -13.62 4.37
CA ARG B 151 15.98 -14.50 3.69
C ARG B 151 16.48 -15.62 4.59
N ALA B 152 16.74 -15.29 5.85
CA ALA B 152 17.17 -16.32 6.81
C ALA B 152 16.09 -17.38 7.00
N VAL B 153 14.84 -16.95 7.10
CA VAL B 153 13.73 -17.89 7.23
C VAL B 153 13.61 -18.77 5.98
N GLU B 154 13.74 -18.16 4.81
CA GLU B 154 13.65 -18.92 3.57
C GLU B 154 14.74 -19.97 3.50
N LYS B 155 15.97 -19.56 3.74
CA LYS B 155 17.09 -20.51 3.67
C LYS B 155 16.90 -21.72 4.57
N LEU B 156 16.61 -21.49 5.84
CA LEU B 156 16.48 -22.62 6.77
C LEU B 156 15.25 -23.46 6.47
N SER B 157 14.17 -22.83 6.01
CA SER B 157 12.95 -23.56 5.72
C SER B 157 13.10 -24.47 4.50
N VAL B 158 13.79 -23.98 3.46
CA VAL B 158 13.93 -24.77 2.25
C VAL B 158 14.84 -25.96 2.54
N GLU B 159 15.91 -25.72 3.30
CA GLU B 159 16.82 -26.80 3.65
C GLU B 159 16.09 -27.90 4.41
N ALA B 160 15.24 -27.51 5.36
CA ALA B 160 14.42 -28.45 6.11
C ALA B 160 13.42 -29.20 5.23
N LEU B 161 12.66 -28.47 4.43
CA LEU B 161 11.60 -29.08 3.62
C LEU B 161 12.20 -30.04 2.59
N ASN B 162 13.39 -29.71 2.09
CA ASN B 162 14.01 -30.58 1.10
C ASN B 162 14.39 -31.96 1.66
N SER B 163 14.33 -32.11 2.98
CA SER B 163 14.62 -33.41 3.60
C SER B 163 13.39 -34.32 3.75
N LEU B 164 12.21 -33.80 3.41
CA LEU B 164 11.00 -34.63 3.37
C LEU B 164 11.16 -35.75 2.34
N THR B 165 10.61 -36.92 2.67
CA THR B 165 10.71 -38.07 1.77
C THR B 165 9.36 -38.76 1.58
N GLY B 166 9.35 -39.86 0.83
CA GLY B 166 8.14 -40.63 0.63
C GLY B 166 7.07 -39.85 -0.09
N GLU B 167 5.84 -39.89 0.41
CA GLU B 167 4.76 -39.17 -0.25
C GLU B 167 4.96 -37.65 -0.17
N PHE B 168 5.87 -37.22 0.69
CA PHE B 168 6.13 -35.78 0.89
C PHE B 168 7.36 -35.29 0.18
N LYS B 169 8.05 -36.16 -0.56
CA LYS B 169 9.20 -35.75 -1.36
C LYS B 169 8.82 -34.59 -2.30
N GLY B 170 9.61 -33.53 -2.31
CA GLY B 170 9.26 -32.37 -3.12
C GLY B 170 10.45 -31.50 -3.44
N LYS B 171 10.19 -30.24 -3.75
CA LYS B 171 11.24 -29.28 -3.96
C LYS B 171 10.67 -27.88 -4.01
N TYR B 172 11.59 -26.92 -3.99
CA TYR B 172 11.25 -25.51 -3.89
C TYR B 172 11.27 -24.81 -5.23
N TYR B 173 10.34 -23.88 -5.38
CA TYR B 173 10.23 -23.06 -6.55
C TYR B 173 10.16 -21.59 -6.09
N PRO B 174 11.29 -20.89 -6.12
CA PRO B 174 11.31 -19.46 -5.76
C PRO B 174 10.38 -18.63 -6.63
N LEU B 175 9.71 -17.66 -6.04
CA LEU B 175 8.77 -16.84 -6.78
C LEU B 175 9.49 -16.04 -7.86
N LYS B 176 10.70 -15.55 -7.56
CA LYS B 176 11.41 -14.71 -8.52
C LYS B 176 11.80 -15.49 -9.78
N SER B 177 11.91 -16.81 -9.67
CA SER B 177 12.32 -17.66 -10.81
C SER B 177 11.18 -18.13 -11.70
N MET B 178 9.94 -17.86 -11.30
CA MET B 178 8.77 -18.20 -12.09
C MET B 178 8.49 -17.16 -13.14
N THR B 179 8.08 -17.60 -14.32
CA THR B 179 7.57 -16.67 -15.32
C THR B 179 6.19 -16.20 -14.87
N GLU B 180 5.74 -15.09 -15.44
CA GLU B 180 4.40 -14.57 -15.18
C GLU B 180 3.37 -15.66 -15.48
N GLN B 181 3.54 -16.35 -16.59
CA GLN B 181 2.59 -17.41 -16.97
C GLN B 181 2.57 -18.55 -15.94
N GLU B 182 3.75 -18.97 -15.48
CA GLU B 182 3.84 -20.06 -14.51
C GLU B 182 3.17 -19.66 -13.20
N GLN B 183 3.45 -18.44 -12.74
CA GLN B 183 2.82 -17.95 -11.51
C GLN B 183 1.31 -17.91 -11.67
N GLN B 184 0.84 -17.33 -12.78
CA GLN B 184 -0.59 -17.17 -12.94
C GLN B 184 -1.29 -18.53 -13.03
N GLN B 185 -0.66 -19.51 -13.66
CA GLN B 185 -1.26 -20.85 -13.73
C GLN B 185 -1.41 -21.48 -12.35
N LEU B 186 -0.38 -21.34 -11.52
CA LEU B 186 -0.42 -21.85 -10.14
C LEU B 186 -1.48 -21.16 -9.28
N ILE B 187 -1.72 -19.88 -9.53
CA ILE B 187 -2.75 -19.14 -8.82
C ILE B 187 -4.14 -19.57 -9.31
N ASP B 188 -4.31 -19.64 -10.63
CA ASP B 188 -5.58 -20.07 -11.23
C ASP B 188 -6.00 -21.46 -10.80
N ASP B 189 -5.02 -22.34 -10.63
CA ASP B 189 -5.24 -23.71 -10.20
C ASP B 189 -5.32 -23.83 -8.67
N HIS B 190 -5.28 -22.69 -7.97
CA HIS B 190 -5.57 -22.60 -6.52
C HIS B 190 -4.44 -23.07 -5.60
N PHE B 191 -3.25 -23.27 -6.17
CA PHE B 191 -2.12 -23.81 -5.41
C PHE B 191 -1.28 -22.72 -4.77
N LEU B 192 -1.03 -21.66 -5.53
CA LEU B 192 -0.10 -20.61 -5.12
C LEU B 192 -0.83 -19.37 -4.62
N PHE B 193 -0.25 -18.74 -3.61
CA PHE B 193 -0.76 -17.46 -3.11
C PHE B 193 -0.82 -16.43 -4.22
N ASP B 194 -1.75 -15.48 -4.10
CA ASP B 194 -1.99 -14.51 -5.17
C ASP B 194 -0.85 -13.50 -5.25
N LYS B 195 -0.92 -12.66 -6.29
CA LYS B 195 -0.17 -11.44 -6.32
C LYS B 195 -0.50 -10.67 -5.03
N PRO B 196 0.39 -9.78 -4.62
CA PRO B 196 0.26 -9.13 -3.31
C PRO B 196 -0.79 -8.03 -3.32
N VAL B 197 -2.04 -8.45 -3.38
CA VAL B 197 -3.20 -7.56 -3.58
C VAL B 197 -4.14 -7.46 -2.37
N SER B 198 -3.90 -8.28 -1.35
CA SER B 198 -4.76 -8.27 -0.15
C SER B 198 -4.62 -6.92 0.55
N PRO B 199 -5.73 -6.30 0.96
CA PRO B 199 -5.64 -5.03 1.70
C PRO B 199 -4.91 -5.21 3.04
N LEU B 200 -5.02 -6.39 3.63
CA LEU B 200 -4.29 -6.72 4.85
C LEU B 200 -2.80 -6.85 4.58
N LEU B 201 -2.45 -7.65 3.57
CA LEU B 201 -1.06 -7.84 3.23
C LEU B 201 -0.38 -6.50 2.95
N LEU B 202 -1.06 -5.65 2.18
CA LEU B 202 -0.49 -4.35 1.82
C LEU B 202 -0.40 -3.39 3.00
N ALA B 203 -1.51 -3.19 3.71
CA ALA B 203 -1.58 -2.15 4.74
C ALA B 203 -0.66 -2.45 5.92
N SER B 204 -0.44 -3.72 6.19
CA SER B 204 0.31 -4.12 7.38
C SER B 204 1.82 -4.16 7.18
N GLY B 205 2.30 -3.99 5.93
CA GLY B 205 3.72 -4.05 5.61
C GLY B 205 4.20 -5.39 5.07
N MET B 206 3.28 -6.33 4.86
CA MET B 206 3.68 -7.69 4.49
C MET B 206 4.13 -7.82 3.04
N ALA B 207 3.87 -6.81 2.21
CA ALA B 207 4.21 -6.90 0.77
C ALA B 207 5.59 -6.31 0.41
N ARG B 208 6.31 -5.80 1.40
CA ARG B 208 7.61 -5.18 1.15
C ARG B 208 8.59 -6.12 0.45
N ASP B 209 9.33 -5.56 -0.50
CA ASP B 209 10.42 -6.25 -1.21
C ASP B 209 9.96 -7.38 -2.11
N TRP B 210 8.66 -7.50 -2.32
CA TRP B 210 8.11 -8.59 -3.12
C TRP B 210 8.80 -8.61 -4.48
N PRO B 211 9.19 -9.77 -5.01
CA PRO B 211 8.96 -11.13 -4.48
C PRO B 211 10.11 -11.75 -3.67
N ASP B 212 11.01 -10.92 -3.15
CA ASP B 212 12.23 -11.38 -2.51
C ASP B 212 11.96 -12.39 -1.43
N ALA B 213 12.62 -13.54 -1.53
CA ALA B 213 12.59 -14.60 -0.51
C ALA B 213 11.22 -15.25 -0.26
N ARG B 214 10.33 -15.13 -1.24
CA ARG B 214 9.04 -15.82 -1.26
C ARG B 214 9.09 -16.97 -2.26
N GLY B 215 8.27 -17.98 -2.04
CA GLY B 215 8.22 -19.07 -2.99
C GLY B 215 7.25 -20.15 -2.56
N ILE B 216 7.22 -21.24 -3.32
CA ILE B 216 6.39 -22.38 -2.97
C ILE B 216 7.20 -23.65 -3.09
N TRP B 217 7.09 -24.47 -2.04
CA TRP B 217 7.64 -25.81 -2.02
C TRP B 217 6.45 -26.74 -2.27
N HIS B 218 6.64 -27.80 -3.05
CA HIS B 218 5.57 -28.79 -3.14
C HIS B 218 6.05 -30.15 -3.60
N ASN B 219 5.28 -31.18 -3.24
CA ASN B 219 5.56 -32.53 -3.75
C ASN B 219 5.19 -32.59 -5.23
N ASP B 220 5.62 -33.64 -5.93
CA ASP B 220 5.50 -33.62 -7.40
C ASP B 220 4.06 -33.52 -7.90
N ASN B 221 3.10 -34.14 -7.22
CA ASN B 221 1.73 -34.06 -7.70
C ASN B 221 0.91 -32.91 -7.08
N LYS B 222 1.59 -32.01 -6.37
CA LYS B 222 0.96 -30.81 -5.82
C LYS B 222 -0.24 -31.10 -4.88
N SER B 223 -0.12 -32.21 -4.15
CA SER B 223 -1.13 -32.57 -3.15
C SER B 223 -0.74 -32.08 -1.76
N PHE B 224 0.54 -31.75 -1.60
CA PHE B 224 1.09 -31.27 -0.32
C PHE B 224 2.06 -30.14 -0.65
N LEU B 225 1.77 -28.94 -0.16
CA LEU B 225 2.51 -27.73 -0.54
C LEU B 225 2.83 -26.91 0.69
N VAL B 226 3.89 -26.12 0.59
CA VAL B 226 4.22 -25.15 1.64
C VAL B 226 4.58 -23.81 1.04
N TRP B 227 3.80 -22.77 1.36
CA TRP B 227 4.16 -21.43 0.94
C TRP B 227 5.20 -20.90 1.90
N VAL B 228 6.22 -20.24 1.34
CA VAL B 228 7.27 -19.66 2.14
C VAL B 228 7.19 -18.13 2.08
N ASN B 229 7.03 -17.53 3.26
CA ASN B 229 7.16 -16.08 3.46
C ASN B 229 6.08 -15.19 2.83
N GLU B 230 4.87 -15.71 2.67
CA GLU B 230 3.74 -14.85 2.31
C GLU B 230 3.23 -14.18 3.61
N GLU B 231 2.05 -14.56 4.08
CA GLU B 231 1.52 -13.93 5.32
C GLU B 231 2.18 -14.48 6.57
N ASP B 232 2.66 -15.71 6.49
CA ASP B 232 3.39 -16.34 7.58
C ASP B 232 4.68 -16.93 7.03
N HIS B 233 5.58 -17.32 7.92
CA HIS B 233 6.83 -17.93 7.49
C HIS B 233 6.51 -19.13 6.62
N LEU B 234 5.63 -20.00 7.14
CA LEU B 234 5.18 -21.19 6.41
C LEU B 234 3.65 -21.26 6.39
N ARG B 235 3.09 -21.66 5.26
CA ARG B 235 1.71 -22.16 5.20
C ARG B 235 1.77 -23.55 4.60
N VAL B 236 1.37 -24.54 5.40
CA VAL B 236 1.41 -25.95 5.03
C VAL B 236 0.02 -26.35 4.55
N ILE B 237 -0.05 -26.91 3.36
CA ILE B 237 -1.32 -27.13 2.67
C ILE B 237 -1.42 -28.55 2.15
N SER B 238 -2.55 -29.19 2.41
CA SER B 238 -2.91 -30.44 1.72
C SER B 238 -4.18 -30.15 0.93
N MET B 239 -4.26 -30.58 -0.32
CA MET B 239 -5.46 -30.36 -1.14
C MET B 239 -5.54 -31.30 -2.32
N GLU B 240 -6.77 -31.55 -2.76
CA GLU B 240 -7.03 -32.38 -3.95
C GLU B 240 -8.43 -32.16 -4.45
N LYS B 241 -8.69 -32.59 -5.68
CA LYS B 241 -10.04 -32.53 -6.23
C LYS B 241 -10.93 -33.50 -5.49
N GLY B 242 -12.23 -33.22 -5.48
CA GLY B 242 -13.21 -34.11 -4.90
C GLY B 242 -13.43 -33.95 -3.41
N GLY B 243 -14.10 -34.94 -2.83
CA GLY B 243 -14.66 -34.82 -1.50
C GLY B 243 -14.08 -35.71 -0.43
N ASN B 244 -12.88 -36.24 -0.65
CA ASN B 244 -12.26 -37.07 0.37
C ASN B 244 -11.48 -36.22 1.35
N MET B 245 -12.20 -35.49 2.20
CA MET B 245 -11.60 -34.66 3.23
C MET B 245 -10.77 -35.49 4.19
N LYS B 246 -11.19 -36.73 4.46
CA LYS B 246 -10.44 -37.56 5.40
C LYS B 246 -9.03 -37.82 4.90
N GLU B 247 -8.90 -38.11 3.60
CA GLU B 247 -7.59 -38.34 2.99
C GLU B 247 -6.76 -37.07 2.97
N VAL B 248 -7.39 -35.95 2.62
CA VAL B 248 -6.69 -34.66 2.62
C VAL B 248 -6.14 -34.37 4.01
N PHE B 249 -6.95 -34.66 5.02
CA PHE B 249 -6.58 -34.43 6.41
C PHE B 249 -5.51 -35.41 6.88
N ARG B 250 -5.61 -36.67 6.46
CA ARG B 250 -4.54 -37.64 6.73
C ARG B 250 -3.18 -37.12 6.23
N ARG B 251 -3.17 -36.74 4.96
CA ARG B 251 -1.93 -36.29 4.32
C ARG B 251 -1.41 -35.03 5.03
N PHE B 252 -2.32 -34.12 5.33
CA PHE B 252 -2.00 -32.90 6.09
C PHE B 252 -1.32 -33.20 7.41
N CYS B 253 -1.96 -34.05 8.20
CA CYS B 253 -1.54 -34.29 9.57
C CYS B 253 -0.23 -35.06 9.60
N VAL B 254 -0.11 -36.07 8.78
CA VAL B 254 1.12 -36.88 8.73
C VAL B 254 2.27 -36.00 8.23
N GLY B 255 2.02 -35.23 7.17
CA GLY B 255 3.03 -34.35 6.61
C GLY B 255 3.46 -33.28 7.59
N LEU B 256 2.48 -32.67 8.27
CA LEU B 256 2.77 -31.60 9.21
C LEU B 256 3.64 -32.12 10.35
N GLN B 257 3.32 -33.32 10.84
CA GLN B 257 4.12 -33.93 11.89
C GLN B 257 5.56 -34.20 11.43
N LYS B 258 5.74 -34.67 10.19
CA LYS B 258 7.09 -34.88 9.64
C LYS B 258 7.86 -33.55 9.56
N ILE B 259 7.17 -32.51 9.10
CA ILE B 259 7.77 -31.18 9.04
C ILE B 259 8.24 -30.73 10.42
N GLU B 260 7.37 -30.79 11.41
CA GLU B 260 7.76 -30.25 12.72
C GLU B 260 8.91 -31.05 13.33
N GLU B 261 8.90 -32.37 13.13
CA GLU B 261 10.00 -33.24 13.54
C GLU B 261 11.33 -32.78 12.92
N ILE B 262 11.29 -32.51 11.61
CA ILE B 262 12.48 -32.06 10.86
C ILE B 262 12.99 -30.71 11.35
N PHE B 263 12.08 -29.76 11.50
CA PHE B 263 12.45 -28.42 11.96
C PHE B 263 13.03 -28.46 13.38
N LYS B 264 12.45 -29.27 14.26
CA LYS B 264 12.94 -29.40 15.62
C LYS B 264 14.35 -29.99 15.63
N LYS B 265 14.54 -31.05 14.87
CA LYS B 265 15.85 -31.71 14.77
C LYS B 265 16.93 -30.77 14.24
N ALA B 266 16.54 -29.89 13.32
CA ALA B 266 17.46 -28.88 12.75
C ALA B 266 17.73 -27.69 13.70
N GLY B 267 17.05 -27.65 14.83
CA GLY B 267 17.22 -26.59 15.81
C GLY B 267 16.40 -25.35 15.47
N HIS B 268 15.35 -25.53 14.68
CA HIS B 268 14.48 -24.41 14.27
C HIS B 268 13.02 -24.70 14.62
N PRO B 269 12.70 -24.80 15.90
CA PRO B 269 11.33 -25.07 16.30
C PRO B 269 10.39 -23.89 16.04
N PHE B 270 9.11 -24.18 16.09
CA PHE B 270 8.09 -23.19 15.79
C PHE B 270 7.68 -22.38 17.02
N MET B 271 7.17 -21.17 16.80
CA MET B 271 6.65 -20.33 17.87
C MET B 271 5.41 -20.97 18.45
N TRP B 272 5.42 -21.15 19.77
CA TRP B 272 4.33 -21.85 20.42
C TRP B 272 4.30 -21.53 21.90
N ASN B 273 3.10 -21.40 22.44
CA ASN B 273 2.91 -21.45 23.89
C ASN B 273 1.60 -22.17 24.26
N GLU B 274 1.50 -22.57 25.52
CA GLU B 274 0.37 -23.39 25.95
C GLU B 274 -0.97 -22.67 25.85
N HIS B 275 -0.94 -21.35 25.89
CA HIS B 275 -2.18 -20.59 25.86
C HIS B 275 -2.70 -20.39 24.44
N LEU B 276 -1.87 -19.78 23.60
CA LEU B 276 -2.26 -19.45 22.22
C LEU B 276 -1.98 -20.56 21.21
N GLY B 277 -1.30 -21.62 21.63
CA GLY B 277 -0.83 -22.61 20.69
C GLY B 277 0.21 -22.06 19.76
N TYR B 278 0.11 -22.39 18.48
CA TYR B 278 1.08 -21.89 17.50
C TYR B 278 0.82 -20.43 17.16
N VAL B 279 1.88 -19.63 17.23
CA VAL B 279 1.81 -18.20 17.01
C VAL B 279 1.99 -17.86 15.53
N LEU B 280 1.08 -17.04 15.02
CA LEU B 280 1.10 -16.57 13.64
C LEU B 280 0.74 -15.09 13.56
N THR B 281 0.86 -14.52 12.36
CA THR B 281 0.71 -13.08 12.17
C THR B 281 -0.66 -12.54 12.57
N CYS B 282 -1.70 -13.17 12.05
CA CYS B 282 -3.08 -12.75 12.32
C CYS B 282 -3.67 -13.52 13.50
N PRO B 283 -4.22 -12.82 14.49
CA PRO B 283 -4.92 -13.47 15.59
C PRO B 283 -5.95 -14.52 15.19
N SER B 284 -6.56 -14.38 14.00
CA SER B 284 -7.50 -15.39 13.49
C SER B 284 -6.88 -16.75 13.23
N ASN B 285 -5.55 -16.80 13.09
CA ASN B 285 -4.83 -18.02 12.74
C ASN B 285 -4.06 -18.65 13.88
N LEU B 286 -4.32 -18.21 15.11
CA LEU B 286 -3.72 -18.82 16.28
C LEU B 286 -4.25 -20.22 16.56
N GLY B 287 -3.73 -20.85 17.60
CA GLY B 287 -4.18 -22.17 18.02
C GLY B 287 -3.59 -23.25 17.15
N THR B 288 -4.44 -23.91 16.36
CA THR B 288 -4.01 -24.95 15.42
C THR B 288 -3.64 -24.35 14.08
N GLY B 289 -4.02 -23.09 13.89
CA GLY B 289 -3.85 -22.42 12.62
C GLY B 289 -4.67 -23.03 11.50
N LEU B 290 -5.51 -24.00 11.80
CA LEU B 290 -6.07 -24.82 10.74
C LEU B 290 -7.26 -24.17 10.07
N ARG B 291 -7.22 -24.12 8.74
CA ARG B 291 -8.39 -23.72 7.98
C ARG B 291 -8.65 -24.84 7.00
N GLY B 292 -9.67 -25.64 7.30
CA GLY B 292 -10.07 -26.77 6.47
C GLY B 292 -11.36 -26.43 5.77
N GLY B 293 -11.45 -26.77 4.49
CA GLY B 293 -12.65 -26.39 3.75
C GLY B 293 -12.76 -26.98 2.38
N VAL B 294 -13.82 -26.58 1.70
CA VAL B 294 -14.15 -27.10 0.39
C VAL B 294 -14.44 -25.97 -0.57
N HIS B 295 -14.25 -26.25 -1.86
CA HIS B 295 -14.92 -25.50 -2.91
C HIS B 295 -16.21 -26.26 -3.17
N VAL B 296 -17.33 -25.62 -2.88
CA VAL B 296 -18.63 -26.28 -2.97
C VAL B 296 -19.64 -25.43 -3.76
N LYS B 297 -20.32 -26.08 -4.70
CA LYS B 297 -21.31 -25.44 -5.56
C LYS B 297 -22.65 -25.36 -4.84
N LEU B 298 -23.10 -24.13 -4.57
CA LEU B 298 -24.33 -23.88 -3.81
C LEU B 298 -25.23 -22.90 -4.56
N ALA B 299 -25.64 -23.28 -5.76
CA ALA B 299 -26.44 -22.38 -6.61
C ALA B 299 -27.74 -21.92 -5.95
N HIS B 300 -28.45 -22.86 -5.34
CA HIS B 300 -29.71 -22.55 -4.66
C HIS B 300 -29.50 -22.01 -3.24
N LEU B 301 -28.69 -22.71 -2.44
CA LEU B 301 -28.55 -22.35 -1.05
C LEU B 301 -27.99 -20.94 -0.86
N SER B 302 -27.09 -20.53 -1.76
CA SER B 302 -26.47 -19.20 -1.69
C SER B 302 -27.46 -18.06 -1.91
N LYS B 303 -28.60 -18.38 -2.49
CA LYS B 303 -29.66 -17.39 -2.72
C LYS B 303 -30.79 -17.44 -1.69
N HIS B 304 -30.72 -18.41 -0.78
CA HIS B 304 -31.70 -18.58 0.29
C HIS B 304 -31.56 -17.46 1.33
N PRO B 305 -32.67 -16.91 1.82
CA PRO B 305 -32.59 -15.80 2.80
C PRO B 305 -31.82 -16.12 4.09
N LYS B 306 -31.68 -17.40 4.44
CA LYS B 306 -30.97 -17.78 5.66
C LYS B 306 -29.54 -18.28 5.44
N PHE B 307 -29.01 -18.06 4.25
CA PHE B 307 -27.66 -18.54 3.92
C PHE B 307 -26.61 -18.10 4.94
N GLU B 308 -26.55 -16.81 5.20
CA GLU B 308 -25.53 -16.28 6.09
C GLU B 308 -25.75 -16.76 7.52
N GLU B 309 -27.01 -16.86 7.93
CA GLU B 309 -27.35 -17.34 9.27
C GLU B 309 -26.92 -18.80 9.46
N ILE B 310 -27.19 -19.62 8.45
CA ILE B 310 -26.80 -21.01 8.49
C ILE B 310 -25.28 -21.11 8.67
N LEU B 311 -24.53 -20.32 7.91
CA LEU B 311 -23.06 -20.33 8.04
C LEU B 311 -22.63 -19.97 9.45
N THR B 312 -23.24 -18.93 10.00
CA THR B 312 -22.97 -18.51 11.36
C THR B 312 -23.28 -19.63 12.39
N ARG B 313 -24.42 -20.29 12.20
CA ARG B 313 -24.84 -21.38 13.11
C ARG B 313 -23.82 -22.51 13.09
N LEU B 314 -23.29 -22.78 11.90
CA LEU B 314 -22.34 -23.86 11.70
C LEU B 314 -20.88 -23.49 12.02
N ARG B 315 -20.66 -22.23 12.38
CA ARG B 315 -19.32 -21.65 12.62
C ARG B 315 -18.42 -21.85 11.41
N LEU B 316 -18.98 -21.62 10.24
CA LEU B 316 -18.25 -21.68 8.99
C LEU B 316 -18.11 -20.28 8.41
N GLN B 317 -17.02 -20.05 7.70
CA GLN B 317 -16.76 -18.81 7.00
C GLN B 317 -16.84 -19.07 5.50
N LYS B 318 -17.32 -18.08 4.77
CA LYS B 318 -17.46 -18.14 3.32
C LYS B 318 -16.44 -17.20 2.67
N ARG B 319 -15.78 -17.70 1.62
CA ARG B 319 -14.87 -16.91 0.81
C ARG B 319 -15.14 -17.23 -0.66
N GLY B 320 -14.53 -16.43 -1.53
CA GLY B 320 -14.66 -16.62 -2.97
C GLY B 320 -13.85 -17.78 -3.50
N THR B 321 -14.06 -18.09 -4.77
CA THR B 321 -13.38 -19.22 -5.39
C THR B 321 -11.86 -19.03 -5.42
N GLY B 322 -11.41 -17.79 -5.59
CA GLY B 322 -9.99 -17.45 -5.59
C GLY B 322 -9.48 -16.99 -4.24
N GLY B 323 -10.25 -17.25 -3.20
CA GLY B 323 -9.85 -16.96 -1.84
C GLY B 323 -10.54 -15.75 -1.26
N VAL B 324 -10.08 -15.35 -0.10
CA VAL B 324 -10.76 -14.36 0.75
C VAL B 324 -11.06 -13.00 0.09
N ASP B 325 -10.23 -12.61 -0.87
CA ASP B 325 -10.38 -11.30 -1.49
C ASP B 325 -11.12 -11.39 -2.82
N THR B 326 -11.84 -12.48 -3.04
CA THR B 326 -12.58 -12.69 -4.28
C THR B 326 -14.00 -13.13 -4.04
N ALA B 327 -14.80 -13.05 -5.10
CA ALA B 327 -16.19 -13.47 -5.06
C ALA B 327 -16.32 -14.90 -5.53
N ALA B 328 -17.43 -15.54 -5.17
CA ALA B 328 -17.78 -16.86 -5.70
C ALA B 328 -18.04 -16.72 -7.18
N VAL B 329 -17.43 -17.59 -7.96
CA VAL B 329 -17.67 -17.69 -9.39
C VAL B 329 -18.42 -19.01 -9.66
N GLY B 330 -19.43 -18.95 -10.52
CA GLY B 330 -20.25 -20.12 -10.81
C GLY B 330 -20.87 -20.75 -9.57
N SER B 331 -21.18 -19.90 -8.56
CA SER B 331 -21.74 -20.34 -7.29
C SER B 331 -20.83 -21.31 -6.54
N VAL B 332 -19.52 -21.23 -6.78
CA VAL B 332 -18.56 -22.09 -6.08
C VAL B 332 -17.95 -21.31 -4.93
N PHE B 333 -18.31 -21.71 -3.71
CA PHE B 333 -17.89 -21.04 -2.49
C PHE B 333 -16.83 -21.84 -1.78
N ASP B 334 -15.89 -21.12 -1.19
CA ASP B 334 -14.90 -21.66 -0.28
C ASP B 334 -15.55 -21.60 1.10
N ILE B 335 -15.84 -22.77 1.66
CA ILE B 335 -16.52 -22.90 2.96
C ILE B 335 -15.55 -23.60 3.92
N SER B 336 -15.23 -22.97 5.04
CA SER B 336 -14.23 -23.51 5.95
C SER B 336 -14.58 -23.23 7.41
N ASN B 337 -13.92 -23.91 8.34
CA ASN B 337 -14.10 -23.55 9.75
C ASN B 337 -13.59 -22.15 10.01
N ALA B 338 -14.35 -21.34 10.74
CA ALA B 338 -13.94 -19.99 11.10
C ALA B 338 -12.95 -19.95 12.26
N ASP B 339 -13.11 -20.85 13.21
CA ASP B 339 -12.36 -20.77 14.48
C ASP B 339 -11.25 -21.82 14.61
N ARG B 340 -10.18 -21.43 15.30
CA ARG B 340 -8.91 -22.18 15.29
C ARG B 340 -8.26 -22.35 16.66
N LEU B 341 -8.71 -21.58 17.66
CA LEU B 341 -8.13 -21.61 18.98
C LEU B 341 -9.19 -21.98 19.98
N GLY B 342 -8.90 -22.96 20.80
CA GLY B 342 -9.84 -23.45 21.81
C GLY B 342 -10.48 -24.77 21.40
N SER B 343 -10.09 -25.27 20.24
CA SER B 343 -10.49 -26.60 19.75
C SER B 343 -9.32 -27.23 19.02
N SER B 344 -9.41 -28.55 18.77
CA SER B 344 -8.33 -29.30 18.12
C SER B 344 -8.55 -29.39 16.62
N GLU B 345 -7.52 -29.86 15.91
CA GLU B 345 -7.62 -30.04 14.46
C GLU B 345 -8.75 -30.99 14.11
N VAL B 346 -8.84 -32.11 14.83
CA VAL B 346 -9.89 -33.09 14.55
C VAL B 346 -11.26 -32.51 14.78
N GLU B 347 -11.43 -31.75 15.86
CA GLU B 347 -12.71 -31.08 16.12
C GLU B 347 -13.08 -30.11 15.01
N GLN B 348 -12.07 -29.38 14.53
CA GLN B 348 -12.27 -28.39 13.45
C GLN B 348 -12.66 -29.03 12.12
N VAL B 349 -11.94 -30.06 11.73
CA VAL B 349 -12.26 -30.73 10.49
C VAL B 349 -13.59 -31.46 10.60
N GLN B 350 -13.92 -31.99 11.78
CA GLN B 350 -15.22 -32.64 11.99
C GLN B 350 -16.34 -31.61 11.82
N LEU B 351 -16.12 -30.41 12.35
CA LEU B 351 -17.11 -29.33 12.22
C LEU B 351 -17.32 -28.97 10.74
N VAL B 352 -16.25 -28.97 9.97
CA VAL B 352 -16.37 -28.71 8.53
C VAL B 352 -17.13 -29.84 7.83
N VAL B 353 -16.72 -31.08 8.08
CA VAL B 353 -17.39 -32.22 7.46
C VAL B 353 -18.87 -32.21 7.78
N ASP B 354 -19.21 -32.02 9.06
CA ASP B 354 -20.62 -32.06 9.45
C ASP B 354 -21.42 -30.91 8.83
N GLY B 355 -20.86 -29.70 8.88
CA GLY B 355 -21.53 -28.54 8.31
C GLY B 355 -21.68 -28.61 6.82
N VAL B 356 -20.62 -29.01 6.13
CA VAL B 356 -20.68 -29.09 4.68
C VAL B 356 -21.67 -30.18 4.25
N LYS B 357 -21.70 -31.31 4.95
CA LYS B 357 -22.67 -32.36 4.60
C LYS B 357 -24.09 -31.85 4.74
N LEU B 358 -24.36 -31.08 5.80
CA LEU B 358 -25.69 -30.52 5.96
C LEU B 358 -26.03 -29.55 4.83
N MET B 359 -25.08 -28.69 4.46
CA MET B 359 -25.32 -27.69 3.43
C MET B 359 -25.59 -28.35 2.07
N VAL B 360 -24.88 -29.44 1.79
CA VAL B 360 -25.09 -30.19 0.55
C VAL B 360 -26.48 -30.81 0.58
N GLU B 361 -26.89 -31.36 1.72
CA GLU B 361 -28.26 -31.89 1.82
C GLU B 361 -29.30 -30.80 1.61
N MET B 362 -29.04 -29.59 2.10
CA MET B 362 -29.93 -28.46 1.87
C MET B 362 -30.01 -28.11 0.40
N GLU B 363 -28.86 -28.04 -0.26
CA GLU B 363 -28.80 -27.72 -1.69
C GLU B 363 -29.66 -28.71 -2.47
N LYS B 364 -29.51 -29.99 -2.14
CA LYS B 364 -30.26 -31.04 -2.83
C LYS B 364 -31.78 -30.91 -2.64
N LYS B 365 -32.21 -30.60 -1.42
CA LYS B 365 -33.63 -30.35 -1.16
C LYS B 365 -34.15 -29.18 -1.97
N LEU B 366 -33.39 -28.08 -2.00
CA LEU B 366 -33.84 -26.90 -2.74
C LEU B 366 -33.93 -27.19 -4.25
N GLU B 367 -33.01 -27.98 -4.77
CA GLU B 367 -33.03 -28.39 -6.19
C GLU B 367 -34.30 -29.15 -6.56
N LYS B 368 -34.83 -29.91 -5.60
CA LYS B 368 -35.99 -30.76 -5.80
C LYS B 368 -37.30 -30.04 -5.53
N GLY B 369 -37.23 -28.75 -5.23
CA GLY B 369 -38.42 -27.95 -4.95
C GLY B 369 -38.95 -28.11 -3.54
N GLN B 370 -38.09 -28.55 -2.63
CA GLN B 370 -38.47 -28.70 -1.23
C GLN B 370 -37.84 -27.58 -0.39
N SER B 371 -38.21 -27.51 0.88
CA SER B 371 -37.78 -26.40 1.74
C SER B 371 -36.79 -26.88 2.79
N ILE B 372 -36.06 -25.92 3.36
CA ILE B 372 -35.07 -26.23 4.39
C ILE B 372 -35.42 -25.61 5.74
N ASP B 373 -36.66 -25.14 5.89
CA ASP B 373 -37.14 -24.46 7.11
C ASP B 373 -36.94 -25.29 8.37
N ASP B 374 -37.08 -26.60 8.17
CA ASP B 374 -37.07 -27.61 9.22
C ASP B 374 -35.66 -28.10 9.56
N MET B 375 -34.67 -27.59 8.83
CA MET B 375 -33.32 -28.12 8.86
C MET B 375 -32.29 -27.09 9.32
N ILE B 376 -32.73 -25.91 9.74
CA ILE B 376 -31.76 -24.90 10.15
C ILE B 376 -31.04 -25.42 11.40
N PRO B 377 -29.71 -25.48 11.37
CA PRO B 377 -28.96 -26.11 12.44
C PRO B 377 -28.90 -25.27 13.70
N ALA B 378 -28.80 -25.92 14.85
CA ALA B 378 -28.59 -25.20 16.11
C ALA B 378 -27.29 -24.44 16.05
N GLN B 379 -27.21 -23.36 16.81
CA GLN B 379 -25.97 -22.62 16.90
C GLN B 379 -24.88 -23.47 17.57
N LYS B 380 -23.77 -23.64 16.87
CA LYS B 380 -22.63 -24.35 17.41
C LYS B 380 -21.72 -23.39 18.19
#